data_5MAR
#
_entry.id   5MAR
#
_cell.length_a   76.557
_cell.length_b   76.709
_cell.length_c   113.827
_cell.angle_alpha   90.000
_cell.angle_beta   90.000
_cell.angle_gamma   90.000
#
_symmetry.space_group_name_H-M   'P 21 21 21'
#
loop_
_entity.id
_entity.type
_entity.pdbx_description
1 polymer 'NAD-dependent protein deacetylase sirtuin-2'
2 non-polymer 'ZINC ION'
3 non-polymer '[(2R,3S,4R,5R)-5-(6-AMINOPURIN-9-YL)-3,4-DIHYDROXY-OXOLAN-2-YL]METHYL [HYDROXY-[[(2R,3S,4R,5S)-3,4,5-TRIHYDROXYOXOLAN-2-YL]METHOXY]PHOSPHORYL] HYDROGEN PHOSPHATE'
4 non-polymer 3-[3-(4-chlorophenyl)-1,2,4-oxadiazol-5-yl]propan-1-ol
5 non-polymer 1,2-ETHANEDIOL
6 non-polymer 'DIMETHYL SULFOXIDE'
7 non-polymer GLYCEROL
8 non-polymer 'ACETATE ION'
9 water water
#
_entity_poly.entity_id   1
_entity_poly.type   'polypeptide(L)'
_entity_poly.pdbx_seq_one_letter_code
;HMERLLDELTLEGVARYMQSERCRRVICLVGAGISTSAGIPDFRSPSTGLYDNLEKYHLPYPEAIFEISYFKKHPEPFFA
LAKELYPGQFKPTICHYFMRLLKDKGLLLRCYTQNIDTLERIAGLEQEDLVEAHGTFYTSHCVSASCRHEYPLSWMKEKI
FSEVTPKCEDCQSLVKPDIVFFGESLPARFFSCMQSDFLKVDLLLVMGTSLQVQPFASLISKAPLSTPRLLINKEKAGQS
DPFLGMIMGLGGGMDFDSKKAYRDVAWLGECDQGCLALAELLGWKKELEDLVRREHASIDAQS
;
_entity_poly.pdbx_strand_id   A,B
#
loop_
_chem_comp.id
_chem_comp.type
_chem_comp.name
_chem_comp.formula
7KE non-polymer 3-[3-(4-chlorophenyl)-1,2,4-oxadiazol-5-yl]propan-1-ol 'C11 H11 Cl N2 O2'
ACT non-polymer 'ACETATE ION' 'C2 H3 O2 -1'
AR6 non-polymer '[(2R,3S,4R,5R)-5-(6-AMINOPURIN-9-YL)-3,4-DIHYDROXY-OXOLAN-2-YL]METHYL [HYDROXY-[[(2R,3S,4R,5S)-3,4,5-TRIHYDROXYOXOLAN-2-YL]METHOXY]PHOSPHORYL] HYDROGEN PHOSPHATE' 'C15 H23 N5 O14 P2'
DMS non-polymer 'DIMETHYL SULFOXIDE' 'C2 H6 O S'
EDO non-polymer 1,2-ETHANEDIOL 'C2 H6 O2'
GOL non-polymer GLYCEROL 'C3 H8 O3'
ZN non-polymer 'ZINC ION' 'Zn 2'
#
# COMPACT_ATOMS: atom_id res chain seq x y z
N HIS A 1 1.17 -16.37 23.90
CA HIS A 1 -0.05 -15.80 24.46
C HIS A 1 -1.27 -16.63 24.07
N MET A 2 -1.69 -16.51 22.81
CA MET A 2 -2.86 -17.24 22.32
CA MET A 2 -2.86 -17.24 22.32
C MET A 2 -2.45 -18.58 21.76
N GLU A 3 -3.30 -19.58 21.99
CA GLU A 3 -3.05 -20.93 21.51
C GLU A 3 -3.26 -21.01 19.99
N ARG A 4 -2.65 -22.02 19.38
CA ARG A 4 -2.79 -22.27 17.96
C ARG A 4 -4.03 -23.13 17.72
N LEU A 5 -4.79 -22.78 16.68
CA LEU A 5 -6.13 -23.34 16.51
C LEU A 5 -6.24 -24.41 15.43
N LEU A 6 -5.39 -24.41 14.41
CA LEU A 6 -5.42 -25.46 13.41
C LEU A 6 -4.51 -26.60 13.82
N ASP A 7 -5.01 -27.83 13.68
CA ASP A 7 -4.19 -29.01 13.96
C ASP A 7 -3.26 -29.37 12.82
N GLU A 8 -3.47 -28.80 11.63
CA GLU A 8 -2.55 -28.96 10.52
C GLU A 8 -2.95 -27.98 9.43
N LEU A 9 -1.97 -27.55 8.64
CA LEU A 9 -2.19 -26.47 7.66
C LEU A 9 -2.65 -27.07 6.33
N THR A 10 -3.88 -27.56 6.35
CA THR A 10 -4.50 -28.19 5.20
C THR A 10 -5.98 -27.85 5.21
N LEU A 11 -6.64 -28.10 4.07
CA LEU A 11 -8.09 -27.95 4.03
C LEU A 11 -8.75 -28.87 5.04
N GLU A 12 -8.20 -30.09 5.20
CA GLU A 12 -8.73 -31.01 6.20
C GLU A 12 -8.59 -30.43 7.60
N GLY A 13 -7.48 -29.75 7.87
CA GLY A 13 -7.33 -29.12 9.17
C GLY A 13 -8.33 -27.99 9.39
N VAL A 14 -8.56 -27.18 8.36
CA VAL A 14 -9.56 -26.12 8.48
C VAL A 14 -10.93 -26.73 8.71
N ALA A 15 -11.26 -27.81 7.99
CA ALA A 15 -12.57 -28.43 8.13
C ALA A 15 -12.80 -28.92 9.54
N ARG A 16 -11.81 -29.60 10.13
CA ARG A 16 -11.96 -30.05 11.51
C ARG A 16 -12.12 -28.87 12.46
N TYR A 17 -11.42 -27.76 12.19
CA TYR A 17 -11.59 -26.57 13.00
C TYR A 17 -12.99 -26.00 12.88
N MET A 18 -13.53 -25.95 11.66
CA MET A 18 -14.86 -25.38 11.46
C MET A 18 -15.93 -26.21 12.16
N GLN A 19 -15.76 -27.52 12.24
CA GLN A 19 -16.73 -28.36 12.92
C GLN A 19 -16.58 -28.33 14.43
N SER A 20 -15.52 -27.70 14.95
CA SER A 20 -15.34 -27.59 16.39
C SER A 20 -16.18 -26.45 16.94
N GLU A 21 -16.36 -26.45 18.26
CA GLU A 21 -17.08 -25.39 18.94
CA GLU A 21 -17.09 -25.39 18.93
C GLU A 21 -16.30 -24.08 18.98
N ARG A 22 -15.03 -24.10 18.58
CA ARG A 22 -14.21 -22.90 18.61
C ARG A 22 -14.43 -22.01 17.38
N CYS A 23 -14.98 -22.55 16.30
CA CYS A 23 -15.26 -21.79 15.08
C CYS A 23 -16.73 -21.39 15.10
N ARG A 24 -17.00 -20.17 15.54
CA ARG A 24 -18.36 -19.68 15.69
C ARG A 24 -18.72 -18.60 14.69
N ARG A 25 -17.73 -17.83 14.22
CA ARG A 25 -17.97 -16.65 13.40
C ARG A 25 -16.93 -16.62 12.28
N VAL A 26 -17.41 -16.67 11.04
CA VAL A 26 -16.58 -16.68 9.85
C VAL A 26 -16.79 -15.37 9.11
N ILE A 27 -15.70 -14.74 8.68
CA ILE A 27 -15.76 -13.60 7.76
C ILE A 27 -15.23 -14.08 6.41
N CYS A 28 -15.99 -13.82 5.36
CA CYS A 28 -15.55 -14.07 3.99
C CYS A 28 -15.04 -12.77 3.38
N LEU A 29 -13.88 -12.84 2.73
CA LEU A 29 -13.30 -11.75 1.97
C LEU A 29 -13.17 -12.23 0.52
N VAL A 30 -13.91 -11.61 -0.39
CA VAL A 30 -13.99 -12.12 -1.75
C VAL A 30 -13.75 -11.02 -2.77
N GLY A 31 -13.30 -11.43 -3.96
CA GLY A 31 -13.12 -10.56 -5.08
C GLY A 31 -13.65 -11.16 -6.37
N ALA A 32 -13.18 -10.64 -7.51
CA ALA A 32 -13.78 -10.99 -8.80
C ALA A 32 -13.58 -12.46 -9.16
N GLY A 33 -12.61 -13.12 -8.55
CA GLY A 33 -12.38 -14.53 -8.83
C GLY A 33 -13.54 -15.44 -8.49
N ILE A 34 -14.44 -15.02 -7.59
CA ILE A 34 -15.58 -15.87 -7.26
C ILE A 34 -16.70 -15.78 -8.27
N SER A 35 -16.57 -14.92 -9.28
CA SER A 35 -17.62 -14.74 -10.28
C SER A 35 -17.18 -15.09 -11.70
N THR A 36 -15.91 -15.45 -11.90
CA THR A 36 -15.46 -15.78 -13.26
C THR A 36 -16.12 -17.06 -13.77
N SER A 37 -16.45 -18.00 -12.89
CA SER A 37 -17.15 -19.20 -13.36
C SER A 37 -18.58 -18.88 -13.79
N ALA A 38 -19.11 -17.74 -13.36
CA ALA A 38 -20.41 -17.28 -13.85
C ALA A 38 -20.32 -16.57 -15.19
N GLY A 39 -19.10 -16.22 -15.62
CA GLY A 39 -18.90 -15.53 -16.88
C GLY A 39 -18.52 -14.07 -16.76
N ILE A 40 -18.30 -13.56 -15.55
CA ILE A 40 -17.84 -12.18 -15.36
C ILE A 40 -16.32 -12.19 -15.33
N PRO A 41 -15.64 -11.38 -16.12
CA PRO A 41 -14.17 -11.40 -16.09
C PRO A 41 -13.67 -10.80 -14.80
N ASP A 42 -12.47 -11.21 -14.37
CA ASP A 42 -11.83 -10.55 -13.27
C ASP A 42 -11.02 -9.39 -13.83
N PHE A 43 -10.18 -8.78 -13.00
CA PHE A 43 -9.42 -7.61 -13.41
C PHE A 43 -7.98 -7.94 -13.80
N ARG A 44 -7.29 -8.77 -13.01
CA ARG A 44 -5.84 -8.90 -13.13
C ARG A 44 -5.37 -10.26 -13.63
N SER A 45 -6.25 -11.19 -13.97
CA SER A 45 -5.77 -12.40 -14.63
C SER A 45 -5.10 -12.00 -15.95
N PRO A 46 -3.90 -12.49 -16.23
CA PRO A 46 -3.28 -12.15 -17.52
C PRO A 46 -4.14 -12.60 -18.69
N SER A 47 -4.16 -11.77 -19.74
CA SER A 47 -4.79 -12.10 -21.02
C SER A 47 -6.32 -12.03 -20.97
N THR A 48 -6.93 -12.68 -19.99
CA THR A 48 -8.38 -12.72 -19.90
C THR A 48 -8.97 -11.67 -18.97
N GLY A 49 -8.18 -11.12 -18.06
CA GLY A 49 -8.68 -10.11 -17.15
C GLY A 49 -8.99 -8.81 -17.84
N LEU A 50 -9.89 -8.04 -17.21
CA LEU A 50 -10.31 -6.76 -17.78
C LEU A 50 -9.13 -5.87 -18.12
N TYR A 51 -8.17 -5.75 -17.19
CA TYR A 51 -7.10 -4.77 -17.37
C TYR A 51 -6.17 -5.09 -18.53
N ASP A 52 -6.22 -6.31 -19.07
CA ASP A 52 -5.48 -6.64 -20.28
C ASP A 52 -6.33 -6.49 -21.54
N ASN A 53 -7.51 -5.90 -21.43
CA ASN A 53 -8.43 -5.81 -22.57
C ASN A 53 -9.07 -4.43 -22.64
N LEU A 54 -8.29 -3.38 -22.38
CA LEU A 54 -8.77 -2.01 -22.48
C LEU A 54 -7.95 -1.18 -23.46
N GLU A 55 -7.27 -1.81 -24.42
N GLU A 55 -7.27 -1.82 -24.41
CA GLU A 55 -6.47 -1.06 -25.38
CA GLU A 55 -6.47 -1.10 -25.39
C GLU A 55 -7.31 -0.13 -26.23
C GLU A 55 -7.33 -0.09 -26.16
N LYS A 56 -8.56 -0.49 -26.50
CA LYS A 56 -9.40 0.35 -27.36
C LYS A 56 -9.69 1.71 -26.76
N TYR A 57 -9.60 1.85 -25.44
CA TYR A 57 -9.87 3.12 -24.78
C TYR A 57 -8.63 4.01 -24.67
N HIS A 58 -7.47 3.51 -25.08
CA HIS A 58 -6.24 4.29 -25.15
C HIS A 58 -6.02 5.07 -23.84
N LEU A 59 -6.01 4.34 -22.75
CA LEU A 59 -5.78 4.88 -21.43
C LEU A 59 -4.29 4.96 -21.14
N PRO A 60 -3.86 5.92 -20.31
CA PRO A 60 -2.45 5.90 -19.87
C PRO A 60 -2.07 4.60 -19.19
N TYR A 61 -3.02 3.98 -18.50
CA TYR A 61 -2.84 2.68 -17.89
C TYR A 61 -4.22 2.13 -17.55
N PRO A 62 -4.36 0.81 -17.42
CA PRO A 62 -5.70 0.23 -17.30
C PRO A 62 -6.52 0.79 -16.15
N GLU A 63 -5.91 0.98 -14.97
CA GLU A 63 -6.67 1.40 -13.80
C GLU A 63 -7.30 2.78 -13.98
N ALA A 64 -6.86 3.55 -14.96
CA ALA A 64 -7.38 4.90 -15.13
C ALA A 64 -8.89 4.90 -15.34
N ILE A 65 -9.43 3.83 -15.93
CA ILE A 65 -10.87 3.80 -16.19
C ILE A 65 -11.67 3.77 -14.89
N PHE A 66 -11.04 3.42 -13.77
CA PHE A 66 -11.69 3.45 -12.46
C PHE A 66 -10.96 4.38 -11.50
N GLU A 67 -10.32 5.43 -12.01
CA GLU A 67 -9.66 6.42 -11.17
C GLU A 67 -10.43 7.73 -11.27
N ILE A 68 -10.72 8.35 -10.13
CA ILE A 68 -11.65 9.46 -10.10
C ILE A 68 -11.08 10.69 -10.78
N SER A 69 -9.75 10.93 -10.70
CA SER A 69 -9.19 12.11 -11.33
C SER A 69 -9.15 11.97 -12.84
N TYR A 70 -8.85 10.77 -13.35
CA TYR A 70 -8.93 10.56 -14.79
C TYR A 70 -10.37 10.62 -15.27
N PHE A 71 -11.29 10.02 -14.50
CA PHE A 71 -12.70 10.06 -14.86
C PHE A 71 -13.20 11.49 -15.05
N LYS A 72 -12.75 12.41 -14.18
CA LYS A 72 -13.22 13.79 -14.28
C LYS A 72 -12.68 14.49 -15.52
N LYS A 73 -11.54 14.03 -16.06
CA LYS A 73 -11.01 14.58 -17.31
C LYS A 73 -11.57 13.86 -18.53
N HIS A 74 -11.72 12.54 -18.45
CA HIS A 74 -12.14 11.71 -19.59
C HIS A 74 -13.15 10.69 -19.09
N PRO A 75 -14.43 11.08 -18.98
CA PRO A 75 -15.43 10.17 -18.43
C PRO A 75 -16.01 9.19 -19.44
N GLU A 76 -15.79 9.40 -20.73
CA GLU A 76 -16.45 8.61 -21.76
C GLU A 76 -16.02 7.15 -21.71
N PRO A 77 -14.73 6.84 -21.54
CA PRO A 77 -14.34 5.43 -21.52
C PRO A 77 -15.07 4.60 -20.48
N PHE A 78 -15.22 5.12 -19.25
CA PHE A 78 -15.90 4.34 -18.22
C PHE A 78 -17.34 4.03 -18.61
N PHE A 79 -18.07 5.03 -19.12
CA PHE A 79 -19.46 4.80 -19.48
C PHE A 79 -19.58 3.89 -20.69
N ALA A 80 -18.62 3.95 -21.62
CA ALA A 80 -18.62 3.00 -22.72
C ALA A 80 -18.41 1.58 -22.22
N LEU A 81 -17.50 1.40 -21.26
CA LEU A 81 -17.27 0.08 -20.68
C LEU A 81 -18.51 -0.41 -19.93
N ALA A 82 -19.19 0.49 -19.23
CA ALA A 82 -20.34 0.08 -18.42
C ALA A 82 -21.43 -0.55 -19.28
N LYS A 83 -21.65 -0.04 -20.50
CA LYS A 83 -22.66 -0.67 -21.36
C LYS A 83 -22.15 -1.96 -21.99
N GLU A 84 -20.85 -2.23 -21.94
CA GLU A 84 -20.36 -3.52 -22.41
C GLU A 84 -20.72 -4.66 -21.46
N LEU A 85 -20.87 -4.36 -20.17
CA LEU A 85 -21.19 -5.38 -19.17
C LEU A 85 -22.67 -5.45 -18.81
N TYR A 86 -23.49 -4.53 -19.30
CA TYR A 86 -24.87 -4.42 -18.85
C TYR A 86 -25.74 -5.60 -19.27
N PRO A 87 -25.67 -6.07 -20.53
CA PRO A 87 -26.73 -6.97 -21.01
C PRO A 87 -26.78 -8.31 -20.29
N GLY A 88 -25.64 -8.81 -19.82
CA GLY A 88 -25.58 -10.14 -19.24
C GLY A 88 -26.40 -10.33 -17.98
N GLN A 89 -27.19 -11.39 -17.95
CA GLN A 89 -27.80 -11.90 -16.74
C GLN A 89 -26.95 -13.06 -16.24
N PHE A 90 -26.45 -12.95 -15.02
CA PHE A 90 -25.54 -13.95 -14.46
C PHE A 90 -26.16 -14.60 -13.24
N LYS A 91 -25.87 -15.91 -13.06
CA LYS A 91 -26.27 -16.69 -11.90
C LYS A 91 -25.15 -16.73 -10.87
N PRO A 92 -25.45 -16.77 -9.58
CA PRO A 92 -24.38 -16.95 -8.58
C PRO A 92 -23.73 -18.33 -8.72
N THR A 93 -22.49 -18.41 -8.27
CA THR A 93 -21.69 -19.62 -8.39
C THR A 93 -21.83 -20.51 -7.16
N ILE A 94 -21.32 -21.73 -7.28
CA ILE A 94 -21.21 -22.62 -6.13
C ILE A 94 -20.56 -21.90 -4.96
N CYS A 95 -19.52 -21.09 -5.25
CA CYS A 95 -18.84 -20.35 -4.20
C CYS A 95 -19.77 -19.38 -3.49
N HIS A 96 -20.59 -18.65 -4.27
CA HIS A 96 -21.60 -17.79 -3.67
C HIS A 96 -22.55 -18.58 -2.78
N TYR A 97 -23.00 -19.75 -3.24
CA TYR A 97 -23.95 -20.52 -2.44
C TYR A 97 -23.29 -21.18 -1.23
N PHE A 98 -21.98 -21.40 -1.27
CA PHE A 98 -21.29 -21.85 -0.07
C PHE A 98 -21.35 -20.78 1.02
N MET A 99 -21.18 -19.51 0.66
CA MET A 99 -21.33 -18.43 1.62
C MET A 99 -22.77 -18.34 2.11
N ARG A 100 -23.73 -18.56 1.21
CA ARG A 100 -25.14 -18.62 1.62
C ARG A 100 -25.35 -19.77 2.61
N LEU A 101 -24.68 -20.89 2.39
CA LEU A 101 -24.81 -22.02 3.30
C LEU A 101 -24.19 -21.69 4.66
N LEU A 102 -23.05 -21.00 4.67
CA LEU A 102 -22.50 -20.52 5.93
C LEU A 102 -23.51 -19.66 6.69
N LYS A 103 -24.23 -18.81 5.98
CA LYS A 103 -25.29 -18.03 6.60
C LYS A 103 -26.35 -18.93 7.23
N ASP A 104 -26.83 -19.92 6.47
CA ASP A 104 -27.88 -20.80 6.96
C ASP A 104 -27.38 -21.67 8.11
N LYS A 105 -26.08 -21.93 8.17
CA LYS A 105 -25.49 -22.68 9.28
C LYS A 105 -25.23 -21.81 10.49
N GLY A 106 -25.53 -20.51 10.42
CA GLY A 106 -25.31 -19.62 11.53
C GLY A 106 -23.87 -19.20 11.74
N LEU A 107 -23.00 -19.44 10.76
CA LEU A 107 -21.58 -19.19 10.90
C LEU A 107 -21.11 -17.90 10.26
N LEU A 108 -21.92 -17.27 9.42
CA LEU A 108 -21.47 -16.12 8.63
C LEU A 108 -21.64 -14.84 9.43
N LEU A 109 -20.53 -14.32 9.95
CA LEU A 109 -20.55 -13.01 10.59
C LEU A 109 -20.70 -11.91 9.55
N ARG A 110 -19.97 -12.01 8.44
CA ARG A 110 -20.03 -10.99 7.40
C ARG A 110 -19.32 -11.48 6.16
N CYS A 111 -19.82 -11.03 5.02
CA CYS A 111 -19.11 -11.17 3.74
C CYS A 111 -18.70 -9.78 3.29
N TYR A 112 -17.38 -9.54 3.25
CA TYR A 112 -16.83 -8.34 2.64
C TYR A 112 -16.48 -8.66 1.20
N THR A 113 -17.15 -7.99 0.26
CA THR A 113 -16.92 -8.22 -1.16
C THR A 113 -16.40 -6.96 -1.82
N GLN A 114 -15.46 -7.15 -2.75
CA GLN A 114 -15.00 -6.09 -3.62
C GLN A 114 -15.81 -6.03 -4.91
N ASN A 115 -16.73 -6.97 -5.12
CA ASN A 115 -17.47 -7.04 -6.37
C ASN A 115 -18.69 -6.11 -6.32
N ILE A 116 -19.17 -5.78 -7.52
CA ILE A 116 -20.37 -4.98 -7.70
C ILE A 116 -21.43 -5.72 -8.50
N ASP A 117 -21.24 -7.02 -8.73
CA ASP A 117 -22.18 -7.79 -9.54
C ASP A 117 -23.43 -8.21 -8.77
N THR A 118 -23.47 -7.99 -7.45
CA THR A 118 -24.62 -8.26 -6.59
C THR A 118 -24.96 -9.74 -6.50
N LEU A 119 -24.06 -10.63 -6.92
CA LEU A 119 -24.39 -12.06 -6.90
C LEU A 119 -24.47 -12.61 -5.47
N GLU A 120 -23.81 -11.96 -4.51
CA GLU A 120 -24.01 -12.35 -3.12
C GLU A 120 -25.47 -12.19 -2.73
N ARG A 121 -26.08 -11.05 -3.08
CA ARG A 121 -27.49 -10.82 -2.79
C ARG A 121 -28.37 -11.80 -3.55
N ILE A 122 -28.07 -12.06 -4.82
CA ILE A 122 -28.89 -12.97 -5.59
C ILE A 122 -28.81 -14.38 -5.00
N ALA A 123 -27.67 -14.74 -4.42
CA ALA A 123 -27.53 -16.04 -3.78
C ALA A 123 -28.29 -16.14 -2.45
N GLY A 124 -28.78 -15.02 -1.92
CA GLY A 124 -29.58 -15.04 -0.71
C GLY A 124 -28.95 -14.40 0.51
N LEU A 125 -27.74 -13.85 0.40
CA LEU A 125 -27.20 -13.06 1.49
C LEU A 125 -28.02 -11.78 1.64
N GLU A 126 -28.30 -11.43 2.87
CA GLU A 126 -29.09 -10.24 3.15
C GLU A 126 -28.19 -9.03 3.35
N GLN A 127 -28.79 -7.84 3.32
CA GLN A 127 -28.03 -6.61 3.42
C GLN A 127 -27.13 -6.60 4.65
N GLU A 128 -27.64 -7.08 5.79
CA GLU A 128 -26.84 -7.04 7.00
C GLU A 128 -25.69 -8.04 6.99
N ASP A 129 -25.77 -9.07 6.15
CA ASP A 129 -24.66 -10.02 6.01
C ASP A 129 -23.50 -9.44 5.22
N LEU A 130 -23.70 -8.34 4.51
CA LEU A 130 -22.81 -7.91 3.44
C LEU A 130 -22.17 -6.56 3.76
N VAL A 131 -20.90 -6.44 3.38
CA VAL A 131 -20.26 -5.15 3.21
C VAL A 131 -19.80 -5.11 1.76
N GLU A 132 -20.50 -4.33 0.94
CA GLU A 132 -20.10 -4.12 -0.45
C GLU A 132 -19.04 -3.02 -0.43
N ALA A 133 -17.80 -3.46 -0.24
CA ALA A 133 -16.71 -2.57 0.14
C ALA A 133 -16.35 -1.59 -0.97
N HIS A 134 -16.53 -1.98 -2.23
CA HIS A 134 -16.22 -1.11 -3.36
C HIS A 134 -17.50 -0.56 -4.01
N GLY A 135 -18.56 -0.45 -3.22
CA GLY A 135 -19.73 0.30 -3.65
C GLY A 135 -20.75 -0.53 -4.40
N THR A 136 -21.61 0.20 -5.12
CA THR A 136 -22.73 -0.37 -5.85
C THR A 136 -23.07 0.55 -7.01
N PHE A 137 -23.62 -0.02 -8.07
CA PHE A 137 -24.14 0.78 -9.17
C PHE A 137 -25.63 1.09 -9.03
N TYR A 138 -26.26 0.61 -7.96
CA TYR A 138 -27.70 0.84 -7.77
C TYR A 138 -28.00 2.33 -7.64
N THR A 139 -27.17 3.07 -6.91
CA THR A 139 -27.34 4.50 -6.72
C THR A 139 -26.16 5.26 -7.32
N SER A 140 -26.41 6.51 -7.67
CA SER A 140 -25.41 7.38 -8.27
C SER A 140 -25.42 8.74 -7.58
N HIS A 141 -24.32 9.46 -7.70
CA HIS A 141 -24.19 10.79 -7.10
C HIS A 141 -23.38 11.71 -7.99
N CYS A 142 -23.76 12.98 -8.01
CA CYS A 142 -22.89 14.02 -8.55
C CYS A 142 -21.54 13.98 -7.84
N VAL A 143 -20.46 14.25 -8.60
CA VAL A 143 -19.12 14.13 -8.05
C VAL A 143 -18.66 15.37 -7.28
N SER A 144 -19.43 16.45 -7.30
CA SER A 144 -19.06 17.66 -6.58
C SER A 144 -19.39 17.50 -5.10
N ALA A 145 -18.37 17.64 -4.25
CA ALA A 145 -18.57 17.48 -2.81
C ALA A 145 -19.55 18.51 -2.27
N SER A 146 -19.68 19.66 -2.92
CA SER A 146 -20.67 20.65 -2.51
C SER A 146 -22.08 20.30 -2.95
N CYS A 147 -22.24 19.45 -3.98
CA CYS A 147 -23.56 19.08 -4.46
C CYS A 147 -23.96 17.69 -3.96
N ARG A 148 -23.35 16.65 -4.52
CA ARG A 148 -23.63 15.26 -4.14
C ARG A 148 -25.11 14.91 -4.33
N HIS A 149 -25.75 15.52 -5.33
CA HIS A 149 -27.11 15.14 -5.69
C HIS A 149 -27.17 13.66 -6.03
N GLU A 150 -28.14 12.96 -5.42
CA GLU A 150 -28.28 11.52 -5.65
C GLU A 150 -29.24 11.27 -6.81
N TYR A 151 -28.90 10.30 -7.65
CA TYR A 151 -29.72 9.93 -8.79
C TYR A 151 -29.95 8.42 -8.81
N PRO A 152 -31.15 7.97 -9.16
CA PRO A 152 -31.42 6.53 -9.17
C PRO A 152 -30.89 5.86 -10.43
N LEU A 153 -30.92 4.52 -10.40
CA LEU A 153 -30.38 3.73 -11.50
C LEU A 153 -31.13 4.00 -12.80
N SER A 154 -32.46 4.13 -12.73
CA SER A 154 -33.25 4.43 -13.92
C SER A 154 -32.74 5.68 -14.61
N TRP A 155 -32.43 6.72 -13.81
CA TRP A 155 -31.89 7.96 -14.36
C TRP A 155 -30.56 7.72 -15.05
N MET A 156 -29.69 6.92 -14.42
CA MET A 156 -28.37 6.63 -14.99
C MET A 156 -28.50 5.89 -16.31
N LYS A 157 -29.37 4.87 -16.37
CA LYS A 157 -29.59 4.14 -17.61
C LYS A 157 -30.14 5.06 -18.70
N GLU A 158 -31.11 5.91 -18.34
CA GLU A 158 -31.69 6.84 -19.32
C GLU A 158 -30.61 7.64 -20.03
N LYS A 159 -29.59 8.08 -19.30
CA LYS A 159 -28.50 8.83 -19.91
C LYS A 159 -27.56 7.90 -20.69
N ILE A 160 -27.16 6.81 -20.08
CA ILE A 160 -26.18 5.89 -20.67
C ILE A 160 -26.75 5.30 -21.96
N PHE A 161 -27.81 4.52 -21.84
CA PHE A 161 -28.43 3.89 -23.01
C PHE A 161 -29.10 4.90 -23.95
N SER A 162 -28.88 6.20 -23.77
CA SER A 162 -29.28 7.20 -24.75
C SER A 162 -28.09 8.02 -25.26
N GLU A 163 -26.86 7.60 -24.96
CA GLU A 163 -25.64 8.17 -25.53
C GLU A 163 -25.40 9.60 -25.05
N VAL A 164 -25.56 9.85 -23.76
CA VAL A 164 -25.23 11.15 -23.17
C VAL A 164 -24.46 10.93 -21.87
N THR A 165 -23.36 11.64 -21.72
CA THR A 165 -22.60 11.62 -20.47
C THR A 165 -23.46 12.22 -19.36
N PRO A 166 -23.78 11.47 -18.31
CA PRO A 166 -24.64 12.03 -17.25
C PRO A 166 -24.01 13.26 -16.61
N LYS A 167 -24.78 14.34 -16.56
CA LYS A 167 -24.39 15.57 -15.89
C LYS A 167 -25.43 15.94 -14.84
N CYS A 168 -24.96 16.45 -13.70
CA CYS A 168 -25.85 16.82 -12.62
C CYS A 168 -26.77 17.96 -13.05
N GLU A 169 -28.05 17.86 -12.68
CA GLU A 169 -29.03 18.88 -13.04
C GLU A 169 -28.90 20.15 -12.21
N ASP A 170 -28.09 20.13 -11.14
CA ASP A 170 -27.92 21.29 -10.29
C ASP A 170 -26.62 22.05 -10.57
N CYS A 171 -25.53 21.34 -10.85
CA CYS A 171 -24.22 21.96 -11.03
C CYS A 171 -23.53 21.59 -12.32
N GLN A 172 -24.10 20.69 -13.13
CA GLN A 172 -23.53 20.25 -14.40
C GLN A 172 -22.25 19.45 -14.23
N SER A 173 -21.89 19.07 -13.01
CA SER A 173 -20.76 18.19 -12.81
C SER A 173 -21.14 16.76 -13.22
N LEU A 174 -20.12 15.93 -13.39
CA LEU A 174 -20.35 14.55 -13.77
C LEU A 174 -21.10 13.81 -12.67
N VAL A 175 -21.94 12.86 -13.10
CA VAL A 175 -22.63 11.94 -12.21
C VAL A 175 -22.14 10.53 -12.53
N LYS A 176 -21.78 9.78 -11.51
CA LYS A 176 -21.32 8.41 -11.67
C LYS A 176 -22.01 7.50 -10.67
N PRO A 177 -22.11 6.21 -10.96
CA PRO A 177 -22.61 5.26 -9.97
C PRO A 177 -21.73 5.26 -8.73
N ASP A 178 -22.30 4.79 -7.62
CA ASP A 178 -21.59 4.74 -6.34
C ASP A 178 -20.60 3.59 -6.29
N ILE A 179 -20.00 3.25 -7.43
CA ILE A 179 -18.84 2.38 -7.46
C ILE A 179 -17.63 3.15 -6.95
N VAL A 180 -16.84 2.51 -6.08
CA VAL A 180 -15.68 3.16 -5.49
C VAL A 180 -14.56 3.15 -6.52
N PHE A 181 -14.16 4.34 -6.99
CA PHE A 181 -13.00 4.49 -7.86
C PHE A 181 -11.76 4.71 -7.02
N PHE A 182 -10.60 4.42 -7.63
CA PHE A 182 -9.33 4.80 -7.04
C PHE A 182 -9.36 6.28 -6.69
N GLY A 183 -8.97 6.59 -5.45
CA GLY A 183 -9.01 7.95 -4.95
C GLY A 183 -10.27 8.32 -4.20
N GLU A 184 -11.29 7.47 -4.19
CA GLU A 184 -12.55 7.73 -3.53
C GLU A 184 -12.63 7.02 -2.19
N SER A 185 -13.36 7.63 -1.27
CA SER A 185 -13.60 7.00 0.03
CA SER A 185 -13.60 7.00 0.03
C SER A 185 -14.51 5.79 -0.11
N LEU A 186 -14.33 4.83 0.78
CA LEU A 186 -15.19 3.66 0.83
C LEU A 186 -16.44 3.96 1.66
N PRO A 187 -17.50 3.17 1.50
CA PRO A 187 -18.71 3.42 2.30
C PRO A 187 -18.42 3.39 3.79
N ALA A 188 -19.10 4.25 4.54
CA ALA A 188 -18.91 4.30 5.98
C ALA A 188 -19.19 2.95 6.63
N ARG A 189 -20.14 2.19 6.09
CA ARG A 189 -20.45 0.88 6.65
C ARG A 189 -19.22 -0.02 6.68
N PHE A 190 -18.32 0.12 5.70
CA PHE A 190 -17.09 -0.66 5.68
C PHE A 190 -16.32 -0.52 6.99
N PHE A 191 -16.23 0.69 7.51
CA PHE A 191 -15.37 0.93 8.68
C PHE A 191 -16.09 0.61 9.98
N SER A 192 -17.37 0.96 10.08
CA SER A 192 -18.11 0.62 11.30
C SER A 192 -18.24 -0.89 11.46
N CYS A 193 -18.42 -1.63 10.36
CA CYS A 193 -18.48 -3.08 10.46
C CYS A 193 -17.10 -3.67 10.75
N MET A 194 -16.07 -3.15 10.07
CA MET A 194 -14.71 -3.64 10.26
C MET A 194 -14.28 -3.50 11.73
N GLN A 195 -14.56 -2.35 12.34
CA GLN A 195 -14.10 -2.10 13.70
C GLN A 195 -14.65 -3.12 14.69
N SER A 196 -15.86 -3.60 14.45
CA SER A 196 -16.50 -4.56 15.35
C SER A 196 -16.27 -6.01 14.92
N ASP A 197 -16.35 -6.28 13.62
CA ASP A 197 -16.30 -7.66 13.14
C ASP A 197 -14.96 -8.31 13.45
N PHE A 198 -13.86 -7.58 13.22
CA PHE A 198 -12.56 -8.23 13.27
C PHE A 198 -12.03 -8.39 14.68
N LEU A 199 -12.78 -7.97 15.69
CA LEU A 199 -12.50 -8.34 17.07
C LEU A 199 -13.08 -9.68 17.46
N LYS A 200 -13.96 -10.26 16.64
CA LYS A 200 -14.69 -11.47 17.02
C LYS A 200 -14.85 -12.40 15.83
N VAL A 201 -13.80 -12.56 15.03
CA VAL A 201 -13.80 -13.45 13.89
C VAL A 201 -12.95 -14.67 14.21
N ASP A 202 -13.53 -15.85 14.02
CA ASP A 202 -12.84 -17.11 14.28
C ASP A 202 -12.19 -17.71 13.05
N LEU A 203 -12.58 -17.29 11.85
CA LEU A 203 -12.00 -17.82 10.62
C LEU A 203 -12.15 -16.78 9.51
N LEU A 204 -11.07 -16.52 8.79
CA LEU A 204 -11.12 -15.72 7.58
C LEU A 204 -11.10 -16.65 6.38
N LEU A 205 -12.12 -16.54 5.54
CA LEU A 205 -12.22 -17.29 4.30
C LEU A 205 -12.02 -16.31 3.15
N VAL A 206 -10.86 -16.36 2.51
CA VAL A 206 -10.47 -15.41 1.48
C VAL A 206 -10.55 -16.13 0.14
N MET A 207 -11.38 -15.61 -0.77
CA MET A 207 -11.66 -16.34 -2.00
C MET A 207 -11.67 -15.40 -3.21
N GLY A 208 -10.98 -15.81 -4.26
CA GLY A 208 -11.07 -15.12 -5.54
C GLY A 208 -10.64 -13.67 -5.53
N THR A 209 -9.54 -13.35 -4.86
CA THR A 209 -9.01 -12.00 -4.87
C THR A 209 -7.49 -12.04 -4.84
N SER A 210 -6.87 -11.11 -5.57
CA SER A 210 -5.42 -11.00 -5.61
C SER A 210 -4.87 -10.19 -4.45
N LEU A 211 -5.74 -9.55 -3.65
CA LEU A 211 -5.32 -8.70 -2.53
C LEU A 211 -4.32 -7.63 -2.98
N GLN A 212 -4.67 -6.94 -4.06
CA GLN A 212 -3.79 -5.98 -4.70
C GLN A 212 -4.25 -4.53 -4.52
N VAL A 213 -5.31 -4.29 -3.75
CA VAL A 213 -5.77 -2.93 -3.51
C VAL A 213 -6.00 -2.72 -2.02
N GLN A 214 -5.62 -1.56 -1.54
CA GLN A 214 -5.92 -1.07 -0.21
C GLN A 214 -7.18 -0.22 -0.25
N PRO A 215 -7.91 -0.11 0.87
CA PRO A 215 -7.62 -0.71 2.17
C PRO A 215 -8.11 -2.16 2.34
N PHE A 216 -8.76 -2.72 1.32
CA PHE A 216 -9.31 -4.06 1.47
C PHE A 216 -8.23 -5.07 1.84
N ALA A 217 -7.03 -4.93 1.26
CA ALA A 217 -5.95 -5.86 1.57
C ALA A 217 -5.57 -5.81 3.04
N SER A 218 -5.77 -4.68 3.70
CA SER A 218 -5.45 -4.57 5.13
C SER A 218 -6.33 -5.47 5.99
N LEU A 219 -7.50 -5.90 5.49
CA LEU A 219 -8.43 -6.61 6.36
C LEU A 219 -7.86 -7.91 6.89
N ILE A 220 -7.01 -8.61 6.13
CA ILE A 220 -6.52 -9.88 6.64
C ILE A 220 -5.67 -9.67 7.88
N SER A 221 -5.02 -8.51 7.99
CA SER A 221 -4.20 -8.21 9.16
C SER A 221 -5.00 -7.66 10.33
N LYS A 222 -6.29 -7.38 10.14
CA LYS A 222 -7.13 -6.89 11.23
C LYS A 222 -7.67 -8.01 12.12
N ALA A 223 -7.58 -9.25 11.68
CA ALA A 223 -8.06 -10.33 12.51
C ALA A 223 -7.08 -10.61 13.64
N PRO A 224 -7.56 -11.19 14.75
CA PRO A 224 -6.64 -11.61 15.81
C PRO A 224 -5.55 -12.52 15.26
N LEU A 225 -4.39 -12.50 15.91
CA LEU A 225 -3.23 -13.24 15.41
C LEU A 225 -3.46 -14.75 15.41
N SER A 226 -4.40 -15.25 16.20
CA SER A 226 -4.68 -16.68 16.24
C SER A 226 -5.71 -17.13 15.21
N THR A 227 -6.39 -16.21 14.56
CA THR A 227 -7.50 -16.57 13.68
C THR A 227 -6.99 -17.23 12.41
N PRO A 228 -7.32 -18.51 12.15
CA PRO A 228 -6.89 -19.13 10.90
C PRO A 228 -7.43 -18.39 9.68
N ARG A 229 -6.68 -18.47 8.60
CA ARG A 229 -7.03 -17.79 7.35
C ARG A 229 -6.85 -18.77 6.21
N LEU A 230 -7.96 -19.11 5.56
CA LEU A 230 -7.97 -20.03 4.43
C LEU A 230 -8.14 -19.24 3.14
N LEU A 231 -7.19 -19.41 2.22
CA LEU A 231 -7.30 -18.85 0.87
C LEU A 231 -7.73 -19.94 -0.10
N ILE A 232 -8.81 -19.69 -0.84
CA ILE A 232 -9.22 -20.51 -1.96
C ILE A 232 -9.11 -19.63 -3.19
N ASN A 233 -8.12 -19.93 -4.04
CA ASN A 233 -7.75 -19.03 -5.12
C ASN A 233 -6.90 -19.78 -6.12
N LYS A 234 -6.92 -19.34 -7.37
CA LYS A 234 -6.11 -19.98 -8.40
C LYS A 234 -4.63 -19.87 -8.10
N GLU A 235 -4.24 -18.81 -7.41
CA GLU A 235 -2.85 -18.50 -7.16
C GLU A 235 -2.71 -18.04 -5.71
N LYS A 236 -1.52 -18.26 -5.15
CA LYS A 236 -1.25 -17.69 -3.85
C LYS A 236 -1.34 -16.17 -3.94
N ALA A 237 -2.01 -15.57 -2.98
CA ALA A 237 -2.16 -14.13 -2.91
C ALA A 237 -1.84 -13.69 -1.48
N GLY A 238 -1.28 -12.49 -1.36
CA GLY A 238 -0.95 -11.94 -0.07
C GLY A 238 0.31 -12.49 0.57
N GLN A 239 1.02 -13.39 -0.10
CA GLN A 239 2.28 -13.94 0.41
C GLN A 239 3.40 -13.52 -0.51
N SER A 240 4.37 -12.81 0.04
CA SER A 240 5.54 -12.42 -0.72
C SER A 240 6.54 -11.81 0.25
N ASP A 241 7.81 -11.92 -0.10
CA ASP A 241 8.81 -11.12 0.57
C ASP A 241 8.51 -9.65 0.31
N PRO A 242 8.96 -8.77 1.20
CA PRO A 242 8.75 -7.34 0.94
C PRO A 242 9.50 -6.88 -0.29
N PHE A 243 8.96 -5.89 -0.97
CA PHE A 243 9.64 -5.26 -2.10
C PHE A 243 9.10 -3.84 -2.27
N LEU A 244 9.90 -3.01 -2.90
CA LEU A 244 9.50 -1.63 -3.15
C LEU A 244 8.28 -1.61 -4.07
N GLY A 245 7.18 -1.05 -3.58
CA GLY A 245 5.95 -1.00 -4.32
C GLY A 245 4.93 -2.06 -3.94
N MET A 246 5.26 -2.93 -2.98
CA MET A 246 4.29 -3.90 -2.49
C MET A 246 3.03 -3.20 -2.01
N ILE A 247 1.91 -3.90 -2.10
CA ILE A 247 0.62 -3.32 -1.71
C ILE A 247 0.41 -3.45 -0.20
N MET A 248 0.73 -4.61 0.35
CA MET A 248 0.57 -4.87 1.77
CA MET A 248 0.52 -4.80 1.77
C MET A 248 1.56 -4.07 2.60
N GLY A 249 1.15 -3.70 3.81
CA GLY A 249 2.08 -3.15 4.76
C GLY A 249 2.98 -4.25 5.32
N LEU A 250 4.10 -3.82 5.90
CA LEU A 250 5.06 -4.77 6.45
C LEU A 250 4.37 -5.70 7.44
N GLY A 251 4.52 -7.01 7.22
CA GLY A 251 3.93 -8.00 8.09
C GLY A 251 2.42 -8.13 7.99
N GLY A 252 1.79 -7.49 7.01
CA GLY A 252 0.36 -7.52 6.88
C GLY A 252 -0.19 -8.62 6.01
N GLY A 253 0.64 -9.62 5.64
CA GLY A 253 0.30 -10.57 4.63
C GLY A 253 0.08 -11.97 5.18
N MET A 254 -0.07 -12.91 4.25
CA MET A 254 -0.25 -14.31 4.57
C MET A 254 1.11 -14.99 4.67
N ASP A 255 1.18 -16.03 5.51
CA ASP A 255 2.36 -16.89 5.59
C ASP A 255 1.89 -18.34 5.48
N PHE A 256 1.87 -18.85 4.24
CA PHE A 256 1.51 -20.24 4.00
C PHE A 256 2.70 -21.19 4.11
N ASP A 257 3.90 -20.74 3.75
CA ASP A 257 4.97 -21.64 3.37
C ASP A 257 6.26 -21.51 4.17
N SER A 258 6.41 -20.49 5.00
CA SER A 258 7.68 -20.37 5.72
C SER A 258 7.69 -21.30 6.93
N LYS A 259 8.88 -21.46 7.52
CA LYS A 259 9.03 -22.29 8.71
C LYS A 259 8.20 -21.78 9.88
N LYS A 260 7.74 -20.53 9.83
CA LYS A 260 6.94 -19.95 10.91
C LYS A 260 5.44 -20.01 10.63
N ALA A 261 5.02 -20.57 9.50
CA ALA A 261 3.60 -20.68 9.21
C ALA A 261 2.90 -21.46 10.31
N TYR A 262 1.73 -20.97 10.72
CA TYR A 262 1.02 -21.59 11.83
C TYR A 262 -0.51 -21.53 11.71
N ARG A 263 -1.04 -20.76 10.76
CA ARG A 263 -2.48 -20.53 10.72
C ARG A 263 -3.05 -20.27 9.33
N ASP A 264 -2.21 -20.14 8.32
CA ASP A 264 -2.65 -19.75 6.98
C ASP A 264 -2.55 -20.96 6.06
N VAL A 265 -3.61 -21.18 5.27
CA VAL A 265 -3.71 -22.33 4.38
C VAL A 265 -4.12 -21.83 3.01
N ALA A 266 -3.43 -22.29 1.97
CA ALA A 266 -3.74 -21.97 0.59
C ALA A 266 -4.21 -23.23 -0.12
N TRP A 267 -5.45 -23.21 -0.60
CA TRP A 267 -5.98 -24.25 -1.48
C TRP A 267 -6.04 -23.66 -2.88
N LEU A 268 -5.19 -24.17 -3.77
CA LEU A 268 -5.00 -23.56 -5.08
C LEU A 268 -5.84 -24.28 -6.12
N GLY A 269 -6.76 -23.53 -6.74
CA GLY A 269 -7.63 -24.07 -7.77
C GLY A 269 -8.83 -23.17 -7.94
N GLU A 270 -9.86 -23.72 -8.59
CA GLU A 270 -11.10 -23.00 -8.81
C GLU A 270 -11.86 -22.82 -7.49
N CYS A 271 -12.44 -21.64 -7.30
CA CYS A 271 -13.20 -21.38 -6.08
C CYS A 271 -14.37 -22.36 -5.95
N ASP A 272 -15.07 -22.63 -7.05
CA ASP A 272 -16.18 -23.57 -7.00
C ASP A 272 -15.71 -24.94 -6.50
N GLN A 273 -14.58 -25.41 -7.02
CA GLN A 273 -14.09 -26.72 -6.63
C GLN A 273 -13.55 -26.71 -5.21
N GLY A 274 -12.93 -25.61 -4.79
CA GLY A 274 -12.45 -25.52 -3.42
C GLY A 274 -13.58 -25.57 -2.40
N CYS A 275 -14.68 -24.88 -2.69
CA CYS A 275 -15.83 -24.89 -1.78
C CYS A 275 -16.51 -26.25 -1.80
N LEU A 276 -16.60 -26.90 -2.95
CA LEU A 276 -17.13 -28.26 -2.98
C LEU A 276 -16.27 -29.20 -2.13
N ALA A 277 -14.95 -29.09 -2.25
CA ALA A 277 -14.06 -29.94 -1.48
C ALA A 277 -14.21 -29.67 0.01
N LEU A 278 -14.30 -28.39 0.39
CA LEU A 278 -14.48 -28.05 1.80
C LEU A 278 -15.84 -28.52 2.30
N ALA A 279 -16.88 -28.32 1.51
CA ALA A 279 -18.21 -28.81 1.89
C ALA A 279 -18.18 -30.32 2.09
N GLU A 280 -17.53 -31.05 1.19
CA GLU A 280 -17.44 -32.50 1.32
C GLU A 280 -16.80 -32.89 2.66
N LEU A 281 -15.70 -32.23 3.01
CA LEU A 281 -15.06 -32.51 4.30
C LEU A 281 -16.00 -32.23 5.47
N LEU A 282 -16.90 -31.26 5.31
CA LEU A 282 -17.83 -30.90 6.38
C LEU A 282 -19.10 -31.74 6.39
N GLY A 283 -19.30 -32.59 5.39
CA GLY A 283 -20.55 -33.32 5.29
C GLY A 283 -21.67 -32.51 4.68
N TRP A 284 -21.36 -31.41 3.99
CA TRP A 284 -22.35 -30.51 3.44
C TRP A 284 -22.51 -30.62 1.93
N LYS A 285 -21.81 -31.53 1.27
CA LYS A 285 -21.69 -31.44 -0.19
C LYS A 285 -23.04 -31.62 -0.88
N LYS A 286 -23.78 -32.68 -0.54
CA LYS A 286 -25.09 -32.87 -1.17
C LYS A 286 -26.01 -31.71 -0.83
N GLU A 287 -25.97 -31.24 0.41
CA GLU A 287 -26.75 -30.07 0.79
C GLU A 287 -26.40 -28.88 -0.09
N LEU A 288 -25.11 -28.63 -0.30
CA LEU A 288 -24.69 -27.51 -1.13
C LEU A 288 -25.14 -27.68 -2.57
N GLU A 289 -24.93 -28.88 -3.13
CA GLU A 289 -25.35 -29.12 -4.51
C GLU A 289 -26.86 -28.97 -4.67
N ASP A 290 -27.62 -29.44 -3.68
CA ASP A 290 -29.07 -29.24 -3.71
C ASP A 290 -29.43 -27.76 -3.72
N LEU A 291 -28.77 -26.97 -2.88
CA LEU A 291 -29.02 -25.54 -2.83
C LEU A 291 -28.79 -24.88 -4.18
N VAL A 292 -27.62 -25.14 -4.79
CA VAL A 292 -27.31 -24.57 -6.09
C VAL A 292 -28.36 -24.99 -7.11
N ARG A 293 -28.65 -26.28 -7.16
CA ARG A 293 -29.61 -26.82 -8.12
C ARG A 293 -30.98 -26.15 -7.97
N ARG A 294 -31.49 -26.09 -6.74
CA ARG A 294 -32.82 -25.54 -6.51
C ARG A 294 -32.85 -24.02 -6.73
N GLU A 295 -31.78 -23.32 -6.34
CA GLU A 295 -31.78 -21.87 -6.48
C GLU A 295 -31.59 -21.46 -7.94
N HIS A 296 -30.76 -22.18 -8.69
CA HIS A 296 -30.63 -21.89 -10.12
C HIS A 296 -31.95 -22.13 -10.83
N ALA A 297 -32.66 -23.20 -10.46
CA ALA A 297 -33.96 -23.48 -11.05
C ALA A 297 -34.96 -22.39 -10.71
N SER A 298 -34.99 -21.96 -9.45
CA SER A 298 -35.91 -20.91 -9.04
C SER A 298 -35.61 -19.60 -9.78
N ILE A 299 -34.33 -19.32 -10.02
CA ILE A 299 -33.96 -18.14 -10.80
C ILE A 299 -34.55 -18.23 -12.21
N ASP A 300 -34.31 -19.36 -12.88
CA ASP A 300 -34.81 -19.54 -14.24
C ASP A 300 -36.33 -19.43 -14.29
N ALA A 301 -37.02 -19.99 -13.30
CA ALA A 301 -38.48 -19.95 -13.30
C ALA A 301 -39.00 -18.53 -13.18
N GLN A 302 -38.31 -17.67 -12.43
CA GLN A 302 -38.69 -16.27 -12.31
C GLN A 302 -38.06 -15.44 -13.43
N HIS B 1 1.81 0.19 30.44
N HIS B 1 0.59 -0.99 28.98
CA HIS B 1 0.54 0.49 29.80
CA HIS B 1 0.39 0.29 29.65
C HIS B 1 0.80 1.49 28.69
C HIS B 1 0.75 1.46 28.73
N MET B 2 -0.25 1.92 27.99
CA MET B 2 -0.11 3.02 27.06
C MET B 2 -0.13 4.34 27.82
N GLU B 3 0.54 5.36 27.27
CA GLU B 3 0.69 6.63 27.95
C GLU B 3 0.49 7.78 26.98
N ARG B 4 0.33 8.98 27.55
CA ARG B 4 0.30 10.24 26.82
C ARG B 4 1.57 11.00 27.22
N LEU B 5 2.53 11.08 26.30
CA LEU B 5 3.86 11.58 26.63
C LEU B 5 4.12 13.02 26.23
N LEU B 6 3.36 13.57 25.28
CA LEU B 6 3.50 14.98 24.92
C LEU B 6 2.54 15.82 25.75
N ASP B 7 3.07 16.86 26.40
CA ASP B 7 2.21 17.76 27.17
C ASP B 7 1.34 18.64 26.27
N GLU B 8 1.63 18.69 24.96
CA GLU B 8 0.80 19.40 24.00
C GLU B 8 1.32 19.09 22.61
N LEU B 9 0.41 19.13 21.63
CA LEU B 9 0.72 18.70 20.26
C LEU B 9 1.29 19.88 19.47
N THR B 10 2.51 20.26 19.83
CA THR B 10 3.21 21.37 19.20
C THR B 10 4.68 21.02 19.13
N LEU B 11 5.42 21.78 18.31
CA LEU B 11 6.87 21.63 18.29
C LEU B 11 7.44 21.92 19.67
N GLU B 12 6.90 22.91 20.37
CA GLU B 12 7.32 23.19 21.74
C GLU B 12 7.10 21.98 22.64
N GLY B 13 5.94 21.32 22.51
CA GLY B 13 5.69 20.14 23.30
C GLY B 13 6.69 19.02 23.02
N VAL B 14 7.04 18.85 21.74
CA VAL B 14 8.02 17.82 21.38
C VAL B 14 9.38 18.18 21.96
N ALA B 15 9.78 19.45 21.85
CA ALA B 15 11.08 19.87 22.37
C ALA B 15 11.18 19.59 23.87
N ARG B 16 10.14 19.95 24.62
CA ARG B 16 10.14 19.65 26.06
C ARG B 16 10.26 18.14 26.30
N TYR B 17 9.59 17.34 25.46
CA TYR B 17 9.72 15.89 25.58
C TYR B 17 11.15 15.44 25.30
N MET B 18 11.78 16.03 24.28
CA MET B 18 13.16 15.66 23.95
C MET B 18 14.13 15.99 25.08
N GLN B 19 13.78 16.94 25.95
CA GLN B 19 14.65 17.32 27.06
C GLN B 19 14.43 16.48 28.31
N SER B 20 13.37 15.68 28.36
CA SER B 20 13.16 14.79 29.48
C SER B 20 14.05 13.56 29.36
N GLU B 21 14.40 12.98 30.51
CA GLU B 21 15.19 11.75 30.49
C GLU B 21 14.45 10.60 29.84
N ARG B 22 13.14 10.76 29.59
CA ARG B 22 12.36 9.74 28.91
C ARG B 22 12.82 9.54 27.48
N CYS B 23 13.14 10.64 26.79
CA CYS B 23 13.45 10.59 25.36
C CYS B 23 14.93 10.29 25.18
N ARG B 24 15.23 9.00 25.01
CA ARG B 24 16.61 8.55 24.85
C ARG B 24 16.94 8.06 23.45
N ARG B 25 15.97 7.53 22.72
CA ARG B 25 16.20 6.89 21.42
C ARG B 25 15.31 7.56 20.39
N VAL B 26 15.94 8.24 19.43
CA VAL B 26 15.23 8.93 18.36
C VAL B 26 15.52 8.21 17.04
N ILE B 27 14.48 7.94 16.26
CA ILE B 27 14.62 7.44 14.91
C ILE B 27 14.15 8.52 13.95
N CYS B 28 14.97 8.84 12.97
CA CYS B 28 14.59 9.72 11.89
C CYS B 28 14.18 8.90 10.68
N LEU B 29 13.07 9.30 10.04
CA LEU B 29 12.58 8.70 8.80
C LEU B 29 12.52 9.84 7.77
N VAL B 30 13.35 9.77 6.74
CA VAL B 30 13.54 10.91 5.86
C VAL B 30 13.37 10.52 4.41
N GLY B 31 13.05 11.53 3.59
CA GLY B 31 12.89 11.37 2.16
C GLY B 31 13.50 12.52 1.39
N ALA B 32 13.11 12.67 0.11
CA ALA B 32 13.82 13.58 -0.77
C ALA B 32 13.58 15.05 -0.41
N GLY B 33 12.52 15.34 0.34
CA GLY B 33 12.28 16.70 0.78
C GLY B 33 13.38 17.28 1.64
N ILE B 34 14.22 16.45 2.24
CA ILE B 34 15.31 17.00 3.06
C ILE B 34 16.51 17.41 2.22
N SER B 35 16.50 17.12 0.91
CA SER B 35 17.60 17.49 0.03
C SER B 35 17.21 18.50 -1.04
N THR B 36 15.95 18.94 -1.09
CA THR B 36 15.57 19.92 -2.11
C THR B 36 16.27 21.25 -1.89
N SER B 37 16.55 21.63 -0.64
CA SER B 37 17.27 22.87 -0.39
C SER B 37 18.71 22.78 -0.89
N ALA B 38 19.24 21.58 -1.07
CA ALA B 38 20.59 21.39 -1.62
C ALA B 38 20.60 21.44 -3.15
N GLY B 39 19.45 21.54 -3.80
CA GLY B 39 19.37 21.58 -5.24
C GLY B 39 18.98 20.27 -5.89
N ILE B 40 18.66 19.23 -5.11
CA ILE B 40 18.26 17.94 -5.64
C ILE B 40 16.74 17.91 -5.71
N PRO B 41 16.13 17.70 -6.86
CA PRO B 41 14.67 17.67 -6.92
C PRO B 41 14.12 16.49 -6.15
N ASP B 42 12.90 16.65 -5.62
CA ASP B 42 12.19 15.50 -5.06
C ASP B 42 11.47 14.78 -6.20
N PHE B 43 10.62 13.82 -5.86
CA PHE B 43 9.96 13.01 -6.87
C PHE B 43 8.55 13.49 -7.22
N ARG B 44 7.74 13.82 -6.22
CA ARG B 44 6.30 13.96 -6.42
C ARG B 44 5.77 15.39 -6.28
N SER B 45 6.61 16.37 -6.02
CA SER B 45 6.11 17.74 -5.95
C SER B 45 5.64 18.16 -7.34
N PRO B 46 4.47 18.79 -7.47
CA PRO B 46 4.02 19.22 -8.79
C PRO B 46 5.01 20.20 -9.42
N SER B 47 5.21 20.04 -10.73
CA SER B 47 6.03 20.95 -11.55
C SER B 47 7.53 20.79 -11.29
N THR B 48 7.95 20.78 -10.02
CA THR B 48 9.37 20.67 -9.70
C THR B 48 9.85 19.24 -9.51
N GLY B 49 8.95 18.32 -9.16
CA GLY B 49 9.37 16.97 -8.85
C GLY B 49 9.85 16.24 -10.08
N LEU B 50 10.69 15.23 -9.84
CA LEU B 50 11.28 14.49 -10.95
C LEU B 50 10.21 13.86 -11.83
N TYR B 51 9.18 13.28 -11.23
CA TYR B 51 8.19 12.56 -12.02
C TYR B 51 7.35 13.48 -12.90
N ASP B 52 7.43 14.78 -12.70
CA ASP B 52 6.77 15.73 -13.59
C ASP B 52 7.70 16.25 -14.68
N ASN B 53 8.90 15.69 -14.82
CA ASN B 53 9.89 16.25 -15.74
C ASN B 53 10.66 15.14 -16.46
N LEU B 54 9.97 14.06 -16.80
CA LEU B 54 10.56 12.96 -17.56
C LEU B 54 9.99 12.84 -18.96
N GLU B 55 9.45 13.94 -19.50
CA GLU B 55 8.77 13.87 -20.79
C GLU B 55 9.69 13.35 -21.89
N LYS B 56 10.96 13.76 -21.87
CA LYS B 56 11.85 13.44 -22.99
C LYS B 56 12.23 11.96 -23.02
N TYR B 57 12.04 11.23 -21.92
CA TYR B 57 12.33 9.80 -21.91
C TYR B 57 11.17 8.97 -22.43
N HIS B 58 10.02 9.59 -22.69
CA HIS B 58 8.88 8.92 -23.33
C HIS B 58 8.52 7.63 -22.60
N LEU B 59 8.24 7.76 -21.33
CA LEU B 59 7.89 6.63 -20.48
C LEU B 59 6.39 6.37 -20.50
N PRO B 60 5.96 5.12 -20.33
CA PRO B 60 4.51 4.88 -20.20
C PRO B 60 3.91 5.50 -18.96
N TYR B 61 4.70 5.59 -17.89
CA TYR B 61 4.32 6.28 -16.66
C TYR B 61 5.61 6.71 -15.98
N PRO B 62 5.59 7.79 -15.20
CA PRO B 62 6.86 8.32 -14.68
C PRO B 62 7.69 7.31 -13.90
N GLU B 63 7.06 6.53 -13.02
CA GLU B 63 7.81 5.58 -12.19
C GLU B 63 8.49 4.47 -12.98
N ALA B 64 8.17 4.33 -14.26
CA ALA B 64 8.75 3.23 -15.04
C ALA B 64 10.27 3.30 -15.07
N ILE B 65 10.84 4.52 -15.03
CA ILE B 65 12.29 4.65 -15.11
C ILE B 65 12.99 4.06 -13.89
N PHE B 66 12.25 3.76 -12.82
CA PHE B 66 12.80 3.09 -11.65
C PHE B 66 12.12 1.75 -11.37
N GLU B 67 11.48 1.15 -12.38
CA GLU B 67 10.82 -0.14 -12.24
C GLU B 67 11.67 -1.21 -12.90
N ILE B 68 11.87 -2.32 -12.19
CA ILE B 68 12.96 -3.23 -12.54
C ILE B 68 12.72 -3.91 -13.89
N SER B 69 11.47 -4.27 -14.19
CA SER B 69 11.20 -4.91 -15.48
C SER B 69 11.35 -3.93 -16.64
N TYR B 70 10.87 -2.70 -16.47
CA TYR B 70 11.06 -1.70 -17.51
C TYR B 70 12.54 -1.40 -17.70
N PHE B 71 13.30 -1.37 -16.59
CA PHE B 71 14.72 -1.09 -16.66
C PHE B 71 15.45 -2.13 -17.50
N LYS B 72 15.20 -3.41 -17.24
CA LYS B 72 15.88 -4.45 -18.00
C LYS B 72 15.53 -4.37 -19.48
N LYS B 73 14.27 -4.05 -19.79
CA LYS B 73 13.85 -3.96 -21.19
C LYS B 73 14.33 -2.68 -21.84
N HIS B 74 14.38 -1.58 -21.08
CA HIS B 74 14.85 -0.28 -21.57
C HIS B 74 15.75 0.33 -20.52
N PRO B 75 17.02 -0.11 -20.44
CA PRO B 75 17.92 0.48 -19.44
C PRO B 75 18.41 1.88 -19.82
N GLU B 76 18.21 2.30 -21.07
CA GLU B 76 18.83 3.55 -21.53
C GLU B 76 18.28 4.77 -20.82
N PRO B 77 16.96 4.93 -20.64
CA PRO B 77 16.47 6.13 -19.95
C PRO B 77 17.05 6.32 -18.56
N PHE B 78 17.10 5.25 -17.75
CA PHE B 78 17.65 5.38 -16.41
C PHE B 78 19.09 5.87 -16.45
N PHE B 79 19.92 5.26 -17.30
CA PHE B 79 21.33 5.61 -17.33
C PHE B 79 21.55 7.00 -17.93
N ALA B 80 20.65 7.43 -18.82
CA ALA B 80 20.72 8.81 -19.27
C ALA B 80 20.34 9.77 -18.16
N LEU B 81 19.38 9.37 -17.32
CA LEU B 81 18.99 10.22 -16.19
C LEU B 81 20.11 10.29 -15.15
N ALA B 82 20.75 9.16 -14.87
CA ALA B 82 21.77 9.13 -13.82
C ALA B 82 22.91 10.10 -14.11
N LYS B 83 23.26 10.27 -15.39
CA LYS B 83 24.36 11.18 -15.72
C LYS B 83 23.95 12.63 -15.50
N GLU B 84 22.65 12.94 -15.56
CA GLU B 84 22.22 14.30 -15.31
C GLU B 84 22.43 14.71 -13.84
N LEU B 85 22.34 13.77 -12.91
CA LEU B 85 22.54 14.10 -11.50
C LEU B 85 24.02 14.08 -11.12
N TYR B 86 24.75 13.06 -11.56
CA TYR B 86 26.02 12.64 -10.96
C TYR B 86 27.05 13.75 -10.81
N PRO B 87 27.12 14.75 -11.70
CA PRO B 87 28.09 15.84 -11.48
C PRO B 87 28.00 16.44 -10.08
N GLY B 88 26.83 16.96 -9.72
CA GLY B 88 26.52 17.40 -8.37
C GLY B 88 27.63 17.99 -7.54
N GLN B 89 28.25 17.16 -6.71
CA GLN B 89 29.03 17.62 -5.56
C GLN B 89 28.17 18.53 -4.69
N PHE B 90 27.01 18.01 -4.30
CA PHE B 90 26.07 18.76 -3.47
C PHE B 90 26.52 18.77 -2.01
N LYS B 91 25.96 19.72 -1.25
CA LYS B 91 26.25 19.87 0.16
C LYS B 91 25.06 19.42 1.00
N PRO B 92 25.28 18.80 2.17
CA PRO B 92 24.15 18.49 3.04
C PRO B 92 23.47 19.75 3.54
N THR B 93 22.23 19.60 3.97
CA THR B 93 21.42 20.73 4.40
C THR B 93 21.45 20.86 5.92
N ILE B 94 20.93 21.99 6.39
CA ILE B 94 20.72 22.20 7.83
C ILE B 94 20.01 20.98 8.42
N CYS B 95 19.05 20.42 7.68
CA CYS B 95 18.33 19.25 8.17
C CYS B 95 19.27 18.07 8.35
N HIS B 96 20.17 17.83 7.39
CA HIS B 96 21.16 16.77 7.55
C HIS B 96 22.04 17.01 8.77
N TYR B 97 22.49 18.26 8.96
CA TYR B 97 23.36 18.54 10.08
C TYR B 97 22.61 18.55 11.41
N PHE B 98 21.30 18.78 11.40
CA PHE B 98 20.52 18.58 12.61
C PHE B 98 20.55 17.12 13.03
N MET B 99 20.46 16.20 12.07
CA MET B 99 20.59 14.78 12.39
C MET B 99 22.00 14.45 12.87
N ARG B 100 23.02 15.11 12.30
CA ARG B 100 24.37 14.95 12.81
C ARG B 100 24.43 15.34 14.28
N LEU B 101 23.72 16.39 14.67
CA LEU B 101 23.71 16.81 16.07
C LEU B 101 23.04 15.76 16.95
N LEU B 102 21.91 15.21 16.49
CA LEU B 102 21.28 14.12 17.23
C LEU B 102 22.26 13.00 17.51
N LYS B 103 23.06 12.62 16.50
CA LYS B 103 24.10 11.62 16.69
C LYS B 103 25.08 12.06 17.78
N ASP B 104 25.69 13.24 17.60
CA ASP B 104 26.75 13.67 18.51
C ASP B 104 26.24 13.85 19.92
N LYS B 105 24.95 14.15 20.09
CA LYS B 105 24.36 14.31 21.40
C LYS B 105 23.80 13.01 21.96
N GLY B 106 24.05 11.88 21.30
CA GLY B 106 23.70 10.59 21.85
C GLY B 106 22.22 10.25 21.78
N LEU B 107 21.46 10.91 20.91
CA LEU B 107 20.02 10.68 20.81
C LEU B 107 19.61 9.86 19.60
N LEU B 108 20.47 9.75 18.59
CA LEU B 108 20.08 9.13 17.32
C LEU B 108 20.26 7.62 17.42
N LEU B 109 19.13 6.89 17.46
CA LEU B 109 19.20 5.44 17.33
C LEU B 109 19.48 5.04 15.88
N ARG B 110 18.80 5.68 14.93
CA ARG B 110 18.93 5.33 13.53
C ARG B 110 18.31 6.41 12.67
N CYS B 111 18.90 6.63 11.49
CA CYS B 111 18.29 7.39 10.42
C CYS B 111 17.96 6.41 9.30
N TYR B 112 16.66 6.21 9.06
CA TYR B 112 16.20 5.48 7.88
C TYR B 112 15.94 6.48 6.78
N THR B 113 16.67 6.37 5.68
CA THR B 113 16.50 7.29 4.57
C THR B 113 16.08 6.55 3.31
N GLN B 114 15.17 7.16 2.57
CA GLN B 114 14.79 6.73 1.24
C GLN B 114 15.68 7.32 0.15
N ASN B 115 16.58 8.24 0.49
CA ASN B 115 17.41 8.93 -0.49
C ASN B 115 18.66 8.13 -0.83
N ILE B 116 19.19 8.40 -2.02
CA ILE B 116 20.41 7.78 -2.51
C ILE B 116 21.51 8.81 -2.77
N ASP B 117 21.33 10.04 -2.31
CA ASP B 117 22.33 11.08 -2.56
C ASP B 117 23.50 11.04 -1.59
N THR B 118 23.43 10.19 -0.55
CA THR B 118 24.49 9.99 0.44
C THR B 118 24.80 11.25 1.25
N LEU B 119 23.90 12.23 1.27
CA LEU B 119 24.18 13.44 2.03
C LEU B 119 24.15 13.20 3.54
N GLU B 120 23.47 12.15 4.00
CA GLU B 120 23.55 11.79 5.42
C GLU B 120 24.97 11.43 5.80
N ARG B 121 25.65 10.66 4.94
CA ARG B 121 27.06 10.31 5.20
C ARG B 121 27.95 11.54 5.10
N ILE B 122 27.71 12.40 4.11
CA ILE B 122 28.55 13.59 3.95
C ILE B 122 28.36 14.53 5.12
N ALA B 123 27.18 14.52 5.74
CA ALA B 123 26.94 15.34 6.91
C ALA B 123 27.58 14.78 8.18
N GLY B 124 28.09 13.55 8.13
CA GLY B 124 28.80 12.97 9.26
C GLY B 124 28.13 11.77 9.90
N LEU B 125 26.97 11.33 9.42
CA LEU B 125 26.41 10.09 9.93
C LEU B 125 27.22 8.92 9.39
N GLU B 126 27.47 7.96 10.26
CA GLU B 126 28.28 6.81 9.90
C GLU B 126 27.40 5.63 9.52
N GLN B 127 28.03 4.61 8.95
CA GLN B 127 27.31 3.44 8.50
C GLN B 127 26.42 2.89 9.60
N GLU B 128 26.91 2.88 10.85
CA GLU B 128 26.14 2.32 11.95
C GLU B 128 24.85 3.11 12.21
N ASP B 129 24.87 4.42 11.96
CA ASP B 129 23.71 5.26 12.22
C ASP B 129 22.64 5.17 11.15
N LEU B 130 22.92 4.53 10.02
CA LEU B 130 22.12 4.70 8.81
C LEU B 130 21.50 3.38 8.37
N VAL B 131 20.27 3.49 7.87
CA VAL B 131 19.66 2.47 7.03
C VAL B 131 19.30 3.16 5.72
N GLU B 132 20.08 2.91 4.68
CA GLU B 132 19.78 3.43 3.35
C GLU B 132 18.76 2.47 2.74
N ALA B 133 17.49 2.73 3.02
CA ALA B 133 16.43 1.76 2.77
C ALA B 133 16.21 1.48 1.29
N HIS B 134 16.57 2.41 0.41
CA HIS B 134 16.38 2.24 -1.02
C HIS B 134 17.71 2.09 -1.76
N GLY B 135 18.75 1.67 -1.06
CA GLY B 135 19.99 1.31 -1.70
C GLY B 135 20.96 2.47 -1.83
N THR B 136 21.92 2.28 -2.73
CA THR B 136 23.02 3.22 -2.91
C THR B 136 23.55 3.14 -4.32
N PHE B 137 24.14 4.24 -4.78
CA PHE B 137 24.91 4.29 -6.01
C PHE B 137 26.33 3.75 -5.84
N TYR B 138 26.83 3.71 -4.61
CA TYR B 138 28.26 3.53 -4.38
C TYR B 138 28.77 2.22 -4.97
N THR B 139 27.94 1.17 -4.94
CA THR B 139 28.30 -0.12 -5.50
C THR B 139 27.25 -0.55 -6.51
N SER B 140 27.70 -1.33 -7.49
CA SER B 140 26.83 -1.90 -8.51
C SER B 140 27.11 -3.39 -8.62
N HIS B 141 26.16 -4.12 -9.19
CA HIS B 141 26.30 -5.57 -9.33
C HIS B 141 25.72 -6.04 -10.65
N CYS B 142 26.42 -6.98 -11.27
CA CYS B 142 25.82 -7.80 -12.31
C CYS B 142 24.53 -8.42 -11.79
N VAL B 143 23.48 -8.35 -12.60
CA VAL B 143 22.16 -8.81 -12.14
C VAL B 143 21.99 -10.32 -12.20
N SER B 144 22.90 -11.02 -12.87
CA SER B 144 22.80 -12.48 -12.96
C SER B 144 23.07 -13.11 -11.61
N ALA B 145 22.11 -13.91 -11.12
CA ALA B 145 22.29 -14.61 -9.85
C ALA B 145 23.43 -15.61 -9.92
N SER B 146 23.79 -16.08 -11.11
CA SER B 146 24.93 -16.98 -11.26
C SER B 146 26.26 -16.26 -11.15
N CYS B 147 26.27 -14.93 -11.14
CA CYS B 147 27.50 -14.15 -11.22
C CYS B 147 27.62 -13.16 -10.07
N ARG B 148 26.83 -12.10 -10.12
CA ARG B 148 26.80 -11.08 -9.06
C ARG B 148 28.11 -10.32 -8.95
N HIS B 149 28.91 -10.27 -10.01
CA HIS B 149 30.15 -9.52 -9.99
C HIS B 149 29.89 -8.08 -9.55
N GLU B 150 30.71 -7.60 -8.62
CA GLU B 150 30.56 -6.26 -8.06
C GLU B 150 31.48 -5.28 -8.77
N TYR B 151 30.96 -4.09 -9.06
CA TYR B 151 31.70 -3.08 -9.79
C TYR B 151 31.67 -1.75 -9.05
N PRO B 152 32.76 -0.99 -9.12
CA PRO B 152 32.81 0.29 -8.40
C PRO B 152 32.15 1.41 -9.19
N LEU B 153 31.98 2.55 -8.52
CA LEU B 153 31.34 3.69 -9.18
C LEU B 153 32.13 4.16 -10.39
N SER B 154 33.46 4.18 -10.30
CA SER B 154 34.27 4.66 -11.41
C SER B 154 34.00 3.85 -12.67
N TRP B 155 33.75 2.56 -12.53
CA TRP B 155 33.43 1.73 -13.68
C TRP B 155 32.11 2.16 -14.31
N MET B 156 31.12 2.48 -13.49
CA MET B 156 29.83 2.93 -14.03
C MET B 156 30.00 4.14 -14.94
N LYS B 157 30.75 5.14 -14.48
CA LYS B 157 30.75 6.43 -15.16
C LYS B 157 31.41 6.34 -16.53
N GLU B 158 32.44 5.51 -16.68
CA GLU B 158 33.02 5.33 -18.02
C GLU B 158 31.98 4.80 -19.00
N LYS B 159 31.19 3.81 -18.57
CA LYS B 159 30.16 3.26 -19.45
C LYS B 159 29.07 4.29 -19.72
N ILE B 160 28.58 4.94 -18.66
CA ILE B 160 27.45 5.87 -18.81
C ILE B 160 27.84 7.01 -19.77
N PHE B 161 28.93 7.71 -19.46
CA PHE B 161 29.29 8.89 -20.24
C PHE B 161 29.87 8.55 -21.60
N SER B 162 30.35 7.32 -21.80
CA SER B 162 30.55 6.82 -23.15
C SER B 162 29.26 6.43 -23.82
N GLU B 163 28.12 6.62 -23.15
CA GLU B 163 26.81 6.35 -23.71
C GLU B 163 26.67 4.86 -24.03
N VAL B 164 27.12 4.02 -23.10
CA VAL B 164 27.13 2.57 -23.27
C VAL B 164 26.46 1.94 -22.07
N THR B 165 25.52 1.03 -22.32
CA THR B 165 24.88 0.28 -21.24
C THR B 165 25.94 -0.56 -20.52
N PRO B 166 26.06 -0.46 -19.20
CA PRO B 166 27.05 -1.30 -18.50
C PRO B 166 26.68 -2.77 -18.60
N LYS B 167 27.65 -3.58 -19.01
CA LYS B 167 27.51 -5.04 -19.08
C LYS B 167 28.65 -5.69 -18.31
N CYS B 168 28.34 -6.82 -17.68
CA CYS B 168 29.32 -7.54 -16.88
C CYS B 168 30.44 -8.08 -17.76
N GLU B 169 31.68 -7.89 -17.31
CA GLU B 169 32.84 -8.36 -18.08
C GLU B 169 32.99 -9.88 -18.04
N ASP B 170 32.31 -10.55 -17.10
CA ASP B 170 32.40 -12.00 -16.99
C ASP B 170 31.32 -12.71 -17.79
N CYS B 171 30.06 -12.28 -17.67
CA CYS B 171 28.93 -12.98 -18.26
C CYS B 171 28.09 -12.12 -19.19
N GLN B 172 28.42 -10.84 -19.35
CA GLN B 172 27.73 -9.92 -20.25
C GLN B 172 26.32 -9.57 -19.80
N SER B 173 25.92 -9.97 -18.59
CA SER B 173 24.63 -9.57 -18.09
C SER B 173 24.62 -8.08 -17.75
N LEU B 174 23.43 -7.54 -17.57
CA LEU B 174 23.27 -6.13 -17.21
C LEU B 174 23.87 -5.87 -15.84
N VAL B 175 24.50 -4.72 -15.67
CA VAL B 175 25.07 -4.29 -14.39
C VAL B 175 24.27 -3.09 -13.90
N LYS B 176 23.81 -3.18 -12.65
CA LYS B 176 22.86 -2.24 -12.09
C LYS B 176 23.41 -1.65 -10.81
N PRO B 177 23.30 -0.34 -10.58
CA PRO B 177 23.65 0.20 -9.26
C PRO B 177 22.81 -0.45 -8.18
N ASP B 178 23.35 -0.47 -6.96
CA ASP B 178 22.68 -1.12 -5.83
C ASP B 178 21.52 -0.27 -5.27
N ILE B 179 20.78 0.42 -6.13
N ILE B 179 20.78 0.36 -6.16
CA ILE B 179 19.59 1.13 -5.71
CA ILE B 179 19.58 1.11 -5.84
C ILE B 179 18.40 0.20 -5.88
C ILE B 179 18.39 0.16 -5.90
N VAL B 180 17.40 0.36 -5.02
CA VAL B 180 16.22 -0.48 -5.02
C VAL B 180 15.24 0.06 -6.08
N PHE B 181 15.03 -0.71 -7.13
CA PHE B 181 13.99 -0.40 -8.10
C PHE B 181 12.65 -0.91 -7.59
N PHE B 182 11.57 -0.30 -8.09
CA PHE B 182 10.24 -0.87 -7.86
C PHE B 182 10.24 -2.33 -8.31
N GLY B 183 9.74 -3.20 -7.43
CA GLY B 183 9.71 -4.63 -7.70
C GLY B 183 10.86 -5.40 -7.08
N GLU B 184 11.84 -4.72 -6.50
CA GLU B 184 13.02 -5.35 -5.95
C GLU B 184 12.98 -5.38 -4.43
N SER B 185 13.64 -6.36 -3.85
N SER B 185 13.64 -6.37 -3.86
CA SER B 185 13.75 -6.45 -2.40
CA SER B 185 13.81 -6.45 -2.42
C SER B 185 14.68 -5.36 -1.87
C SER B 185 14.61 -5.26 -1.92
N LEU B 186 14.40 -4.93 -0.65
CA LEU B 186 15.20 -3.90 0.01
C LEU B 186 16.43 -4.55 0.62
N PRO B 187 17.44 -3.76 0.99
CA PRO B 187 18.67 -4.36 1.53
C PRO B 187 18.42 -5.13 2.81
N ALA B 188 19.21 -6.19 3.01
CA ALA B 188 19.09 -7.00 4.22
C ALA B 188 19.19 -6.13 5.48
N ARG B 189 20.07 -5.12 5.44
CA ARG B 189 20.23 -4.25 6.60
C ARG B 189 18.94 -3.58 7.01
N PHE B 190 18.07 -3.26 6.04
CA PHE B 190 16.78 -2.66 6.37
C PHE B 190 16.00 -3.52 7.34
N PHE B 191 15.96 -4.83 7.11
CA PHE B 191 15.12 -5.70 7.92
C PHE B 191 15.76 -6.04 9.26
N SER B 192 17.06 -6.33 9.28
CA SER B 192 17.71 -6.62 10.56
C SER B 192 17.60 -5.43 11.51
N CYS B 193 17.63 -4.21 10.98
CA CYS B 193 17.47 -3.03 11.83
C CYS B 193 15.99 -2.78 12.16
N MET B 194 15.12 -2.90 11.15
CA MET B 194 13.70 -2.61 11.35
C MET B 194 13.08 -3.52 12.39
N GLN B 195 13.54 -4.77 12.49
CA GLN B 195 12.90 -5.74 13.37
C GLN B 195 13.21 -5.49 14.85
N SER B 196 14.16 -4.60 15.16
CA SER B 196 14.53 -4.38 16.55
C SER B 196 14.54 -2.89 16.91
N ASP B 197 14.83 -2.02 15.95
CA ASP B 197 14.96 -0.59 16.24
C ASP B 197 13.68 -0.03 16.84
N PHE B 198 12.53 -0.50 16.38
CA PHE B 198 11.27 0.15 16.74
C PHE B 198 10.67 -0.39 18.03
N LEU B 199 11.38 -1.27 18.74
CA LEU B 199 10.84 -1.82 19.98
C LEU B 199 10.98 -0.84 21.15
N LYS B 200 12.06 -0.08 21.20
CA LYS B 200 12.34 0.82 22.32
C LYS B 200 12.47 2.28 21.87
N VAL B 201 12.00 2.62 20.68
CA VAL B 201 12.17 3.97 20.17
C VAL B 201 11.28 4.93 20.95
N ASP B 202 11.84 6.09 21.29
CA ASP B 202 11.14 7.08 22.09
C ASP B 202 10.54 8.22 21.27
N LEU B 203 11.01 8.43 20.04
CA LEU B 203 10.53 9.54 19.23
C LEU B 203 10.82 9.23 17.77
N LEU B 204 9.81 9.38 16.92
CA LEU B 204 10.00 9.35 15.47
C LEU B 204 10.03 10.77 14.95
N LEU B 205 11.04 11.08 14.15
CA LEU B 205 11.17 12.38 13.48
C LEU B 205 11.07 12.10 11.98
N VAL B 206 9.93 12.44 11.40
CA VAL B 206 9.64 12.16 9.99
C VAL B 206 9.79 13.46 9.21
N MET B 207 10.67 13.47 8.22
CA MET B 207 11.06 14.72 7.57
C MET B 207 11.19 14.54 6.07
N GLY B 208 10.55 15.42 5.31
CA GLY B 208 10.74 15.50 3.87
C GLY B 208 10.33 14.26 3.09
N THR B 209 9.19 13.67 3.42
CA THR B 209 8.71 12.52 2.67
C THR B 209 7.19 12.54 2.60
N SER B 210 6.65 12.11 1.45
CA SER B 210 5.21 12.01 1.27
C SER B 210 4.64 10.70 1.78
N LEU B 211 5.49 9.76 2.18
CA LEU B 211 5.08 8.45 2.67
C LEU B 211 4.17 7.74 1.66
N GLN B 212 4.61 7.75 0.40
CA GLN B 212 3.83 7.21 -0.71
C GLN B 212 4.38 5.90 -1.26
N VAL B 213 5.34 5.26 -0.60
CA VAL B 213 5.85 3.96 -1.04
C VAL B 213 5.96 3.02 0.15
N GLN B 214 5.60 1.79 -0.09
CA GLN B 214 5.84 0.67 0.82
C GLN B 214 7.12 -0.04 0.42
N PRO B 215 7.80 -0.70 1.37
CA PRO B 215 7.42 -0.86 2.78
C PRO B 215 7.80 0.28 3.70
N PHE B 216 8.50 1.31 3.20
CA PHE B 216 8.98 2.38 4.07
C PHE B 216 7.81 3.01 4.83
N ALA B 217 6.69 3.24 4.16
CA ALA B 217 5.56 3.89 4.81
C ALA B 217 5.10 3.11 6.05
N SER B 218 5.35 1.79 6.08
CA SER B 218 4.94 0.97 7.22
C SER B 218 5.71 1.29 8.49
N LEU B 219 6.88 1.94 8.37
CA LEU B 219 7.74 2.09 9.54
C LEU B 219 7.08 2.92 10.63
N ILE B 220 6.26 3.91 10.28
CA ILE B 220 5.69 4.78 11.31
C ILE B 220 4.73 3.99 12.19
N SER B 221 4.13 2.92 11.69
CA SER B 221 3.22 2.12 12.50
C SER B 221 3.93 1.01 13.27
N LYS B 222 5.25 0.89 13.15
CA LYS B 222 6.01 -0.07 13.92
C LYS B 222 6.42 0.44 15.29
N ALA B 223 6.31 1.74 15.54
CA ALA B 223 6.67 2.28 16.84
C ALA B 223 5.60 1.94 17.87
N PRO B 224 5.98 1.87 19.15
CA PRO B 224 4.97 1.72 20.20
C PRO B 224 3.88 2.79 20.06
N LEU B 225 2.68 2.44 20.50
CA LEU B 225 1.54 3.34 20.38
C LEU B 225 1.73 4.62 21.20
N SER B 226 2.62 4.60 22.19
CA SER B 226 2.87 5.77 23.01
C SER B 226 4.01 6.65 22.48
N THR B 227 4.70 6.22 21.44
CA THR B 227 5.87 6.96 20.95
C THR B 227 5.42 8.16 20.14
N PRO B 228 5.74 9.40 20.56
CA PRO B 228 5.35 10.56 19.78
C PRO B 228 6.02 10.57 18.42
N ARG B 229 5.35 11.20 17.46
CA ARG B 229 5.81 11.25 16.08
C ARG B 229 5.69 12.68 15.58
N LEU B 230 6.80 13.27 15.18
CA LEU B 230 6.85 14.64 14.68
C LEU B 230 7.14 14.61 13.18
N LEU B 231 6.25 15.22 12.40
CA LEU B 231 6.44 15.38 10.97
C LEU B 231 6.88 16.81 10.68
N ILE B 232 8.04 16.96 10.04
CA ILE B 232 8.50 18.25 9.54
C ILE B 232 8.51 18.14 8.03
N ASN B 233 7.57 18.82 7.38
CA ASN B 233 7.32 18.59 5.96
C ASN B 233 6.49 19.76 5.43
N LYS B 234 6.59 19.98 4.12
CA LYS B 234 5.85 21.07 3.50
C LYS B 234 4.35 20.82 3.52
N GLU B 235 3.94 19.56 3.59
CA GLU B 235 2.54 19.17 3.54
C GLU B 235 2.32 18.08 4.57
N LYS B 236 1.08 17.98 5.06
CA LYS B 236 0.73 16.83 5.88
C LYS B 236 0.88 15.57 5.06
N ALA B 237 1.51 14.57 5.64
CA ALA B 237 1.70 13.28 5.01
C ALA B 237 1.35 12.19 6.01
N GLY B 238 0.83 11.08 5.50
CA GLY B 238 0.44 9.97 6.35
C GLY B 238 -0.86 10.19 7.09
N GLN B 239 -1.53 11.31 6.90
CA GLN B 239 -2.86 11.54 7.46
C GLN B 239 -3.83 11.77 6.31
N SER B 240 -4.85 10.93 6.24
CA SER B 240 -5.92 11.09 5.28
C SER B 240 -7.02 10.12 5.65
N ASP B 241 -8.25 10.46 5.27
CA ASP B 241 -9.29 9.47 5.31
C ASP B 241 -8.89 8.31 4.41
N PRO B 242 -9.27 7.07 4.76
CA PRO B 242 -9.02 5.96 3.86
C PRO B 242 -9.67 6.19 2.50
N PHE B 243 -9.08 5.58 1.47
CA PHE B 243 -9.63 5.64 0.12
C PHE B 243 -9.01 4.53 -0.71
N LEU B 244 -9.73 4.13 -1.76
CA LEU B 244 -9.25 3.07 -2.63
C LEU B 244 -7.96 3.48 -3.31
N GLY B 245 -6.91 2.70 -3.10
CA GLY B 245 -5.59 3.00 -3.63
C GLY B 245 -4.65 3.66 -2.65
N MET B 246 -5.08 3.92 -1.42
CA MET B 246 -4.18 4.49 -0.42
C MET B 246 -2.95 3.62 -0.27
N ILE B 247 -1.82 4.25 0.06
CA ILE B 247 -0.57 3.52 0.21
C ILE B 247 -0.49 2.86 1.59
N MET B 248 -0.90 3.58 2.62
CA MET B 248 -0.85 3.08 3.99
CA MET B 248 -0.80 3.03 3.95
C MET B 248 -1.87 1.97 4.19
N GLY B 249 -1.52 1.01 5.02
CA GLY B 249 -2.50 0.06 5.49
C GLY B 249 -3.47 0.73 6.42
N LEU B 250 -4.65 0.12 6.53
CA LEU B 250 -5.71 0.70 7.36
C LEU B 250 -5.22 0.89 8.78
N GLY B 251 -5.36 2.12 9.28
CA GLY B 251 -4.91 2.46 10.62
C GLY B 251 -3.41 2.61 10.77
N GLY B 252 -2.65 2.56 9.67
CA GLY B 252 -1.21 2.66 9.75
C GLY B 252 -0.64 4.05 9.67
N GLY B 253 -1.49 5.08 9.64
CA GLY B 253 -1.05 6.44 9.39
C GLY B 253 -0.95 7.29 10.64
N MET B 254 -0.83 8.59 10.42
CA MET B 254 -0.73 9.58 11.46
C MET B 254 -2.10 10.18 11.75
N ASP B 255 -2.26 10.68 12.98
CA ASP B 255 -3.47 11.38 13.40
C ASP B 255 -3.04 12.70 14.05
N PHE B 256 -3.02 13.78 13.25
CA PHE B 256 -2.67 15.10 13.76
C PHE B 256 -3.87 15.87 14.28
N ASP B 257 -5.02 15.72 13.62
CA ASP B 257 -6.11 16.69 13.74
C ASP B 257 -7.41 16.14 14.31
N SER B 258 -7.56 14.83 14.43
CA SER B 258 -8.82 14.30 14.93
C SER B 258 -8.97 14.60 16.42
N LYS B 259 -10.21 14.49 16.90
CA LYS B 259 -10.49 14.70 18.31
C LYS B 259 -9.75 13.70 19.19
N LYS B 260 -9.22 12.62 18.63
CA LYS B 260 -8.49 11.61 19.38
C LYS B 260 -6.98 11.74 19.25
N ALA B 261 -6.48 12.76 18.55
CA ALA B 261 -5.05 12.93 18.39
C ALA B 261 -4.39 13.07 19.76
N TYR B 262 -3.28 12.35 19.95
CA TYR B 262 -2.61 12.34 21.26
C TYR B 262 -1.09 12.30 21.20
N ARG B 263 -0.47 12.11 20.04
CA ARG B 263 0.98 11.91 19.99
C ARG B 263 1.63 12.37 18.70
N ASP B 264 0.85 12.77 17.69
CA ASP B 264 1.38 13.13 16.38
C ASP B 264 1.32 14.64 16.20
N VAL B 265 2.41 15.22 15.72
CA VAL B 265 2.53 16.65 15.54
C VAL B 265 3.04 16.92 14.13
N ALA B 266 2.41 17.86 13.44
CA ALA B 266 2.81 18.26 12.10
C ALA B 266 3.27 19.71 12.14
N TRP B 267 4.53 19.94 11.81
CA TRP B 267 5.08 21.28 11.63
C TRP B 267 5.27 21.48 10.13
N LEU B 268 4.47 22.36 9.54
CA LEU B 268 4.41 22.49 8.09
C LEU B 268 5.31 23.63 7.63
N GLY B 269 6.31 23.30 6.83
CA GLY B 269 7.25 24.29 6.33
C GLY B 269 8.46 23.60 5.73
N GLU B 270 9.49 24.40 5.48
CA GLU B 270 10.74 23.86 4.97
C GLU B 270 11.44 23.06 6.06
N CYS B 271 12.03 21.92 5.67
CA CYS B 271 12.70 21.06 6.65
C CYS B 271 13.83 21.80 7.35
N ASP B 272 14.60 22.58 6.61
CA ASP B 272 15.68 23.35 7.22
C ASP B 272 15.13 24.31 8.25
N GLN B 273 14.02 24.98 7.94
CA GLN B 273 13.44 25.94 8.87
C GLN B 273 12.89 25.25 10.10
N GLY B 274 12.17 24.14 9.92
CA GLY B 274 11.66 23.40 11.05
C GLY B 274 12.75 22.91 11.99
N CYS B 275 13.86 22.44 11.41
CA CYS B 275 14.97 21.98 12.24
C CYS B 275 15.64 23.14 12.99
N LEU B 276 15.74 24.30 12.35
CA LEU B 276 16.26 25.47 13.06
C LEU B 276 15.34 25.85 14.20
N ALA B 277 14.02 25.80 13.97
CA ALA B 277 13.06 26.11 15.02
C ALA B 277 13.20 25.14 16.19
N LEU B 278 13.27 23.84 15.88
CA LEU B 278 13.42 22.84 16.94
C LEU B 278 14.74 23.01 17.67
N ALA B 279 15.82 23.25 16.94
CA ALA B 279 17.11 23.49 17.58
C ALA B 279 17.02 24.69 18.51
N GLU B 280 16.35 25.76 18.08
CA GLU B 280 16.18 26.94 18.94
C GLU B 280 15.54 26.55 20.26
N LEU B 281 14.43 25.81 20.21
CA LEU B 281 13.74 25.41 21.43
C LEU B 281 14.63 24.57 22.33
N LEU B 282 15.59 23.85 21.74
CA LEU B 282 16.49 22.99 22.50
C LEU B 282 17.78 23.69 22.93
N GLY B 283 18.02 24.91 22.47
CA GLY B 283 19.27 25.60 22.77
C GLY B 283 20.43 25.22 21.89
N TRP B 284 20.17 24.67 20.71
CA TRP B 284 21.20 24.19 19.80
C TRP B 284 21.37 25.04 18.55
N LYS B 285 20.63 26.14 18.42
CA LYS B 285 20.58 26.84 17.14
C LYS B 285 21.95 27.36 16.75
N LYS B 286 22.64 28.04 17.68
CA LYS B 286 23.97 28.56 17.37
C LYS B 286 24.93 27.44 17.00
N GLU B 287 24.95 26.36 17.79
CA GLU B 287 25.81 25.23 17.47
C GLU B 287 25.51 24.66 16.10
N LEU B 288 24.22 24.52 15.78
CA LEU B 288 23.83 24.01 14.47
C LEU B 288 24.28 24.96 13.36
N GLU B 289 24.00 26.26 13.52
CA GLU B 289 24.38 27.22 12.51
C GLU B 289 25.90 27.25 12.31
N ASP B 290 26.66 27.13 13.40
CA ASP B 290 28.11 27.09 13.29
C ASP B 290 28.57 25.80 12.61
N LEU B 291 27.96 24.67 12.96
CA LEU B 291 28.30 23.41 12.30
C LEU B 291 28.09 23.52 10.80
N VAL B 292 26.91 23.97 10.37
CA VAL B 292 26.62 24.13 8.95
C VAL B 292 27.63 25.06 8.31
N ARG B 293 27.89 26.20 8.94
CA ARG B 293 28.82 27.18 8.38
C ARG B 293 30.18 26.55 8.15
N ARG B 294 30.74 25.91 9.17
CA ARG B 294 32.08 25.35 9.05
C ARG B 294 32.11 24.19 8.06
N GLU B 295 31.10 23.32 8.08
CA GLU B 295 31.09 22.18 7.18
C GLU B 295 30.99 22.63 5.73
N HIS B 296 30.07 23.54 5.44
CA HIS B 296 29.98 24.09 4.08
C HIS B 296 31.28 24.75 3.68
N ALA B 297 31.94 25.42 4.62
CA ALA B 297 33.22 26.07 4.31
C ALA B 297 34.29 25.04 3.99
N SER B 298 34.27 23.89 4.66
CA SER B 298 35.26 22.85 4.37
C SER B 298 34.97 22.19 3.03
N ILE B 299 33.70 21.95 2.69
CA ILE B 299 33.38 21.36 1.40
C ILE B 299 33.82 22.29 0.28
N ASP B 300 33.53 23.58 0.39
CA ASP B 300 33.98 24.53 -0.61
C ASP B 300 35.50 24.48 -0.77
N ALA B 301 36.23 24.50 0.34
CA ALA B 301 37.68 24.45 0.28
C ALA B 301 38.16 23.17 -0.40
N GLN B 302 37.38 22.10 -0.31
CA GLN B 302 37.64 20.85 -1.01
C GLN B 302 39.11 20.44 -0.95
ZN ZN C . -24.21 18.41 -8.70
N1 AR6 D . -11.15 -19.58 -9.03
C2 AR6 D . -10.20 -19.18 -8.18
N3 AR6 D . -9.54 -18.05 -8.34
C4 AR6 D . -9.78 -17.27 -9.37
C5 AR6 D . -10.78 -17.66 -10.30
C6 AR6 D . -11.45 -18.85 -10.09
N6 AR6 D . -12.48 -19.31 -11.00
N7 AR6 D . -10.78 -16.60 -11.27
C8 AR6 D . -9.84 -15.72 -10.87
N9 AR6 D . -9.35 -16.19 -9.85
PA AR6 D . -8.41 -9.45 -9.29
PB AR6 D . -10.00 -8.34 -7.19
C1' AR6 D . -8.36 -15.48 -9.10
O1A AR6 D . -7.38 -8.48 -8.90
O1B AR6 D . -11.41 -8.49 -6.79
C1D AR6 D . -9.81 -3.44 -9.08
O1D AR6 D . -9.17 -2.25 -9.26
C2' AR6 D . -7.27 -14.80 -9.83
O2' AR6 D . -6.12 -15.65 -9.91
O2A AR6 D . -8.66 -9.76 -10.89
O2B AR6 D . -8.84 -8.91 -6.19
C2D AR6 D . -11.22 -3.24 -8.67
O2D AR6 D . -11.33 -2.01 -7.94
C3' AR6 D . -6.95 -13.61 -9.02
O3' AR6 D . -5.98 -13.91 -7.98
O3A AR6 D . -9.91 -9.04 -8.70
C3D AR6 D . -11.50 -4.37 -7.78
O3D AR6 D . -12.64 -4.09 -6.93
C4' AR6 D . -8.21 -13.21 -8.34
O4' AR6 D . -9.14 -14.38 -8.43
C4D AR6 D . -10.25 -4.51 -7.00
O4D AR6 D . -9.16 -4.20 -7.96
C5' AR6 D . -8.80 -12.00 -8.98
O5' AR6 D . -8.05 -10.88 -8.50
C5D AR6 D . -10.09 -5.90 -6.48
O5D AR6 D . -9.71 -6.73 -7.55
H2 AR6 D . -10.01 -19.71 -7.44
HN6 AR6 D . -13.25 -18.95 -11.00
HN6A AR6 D . -12.30 -19.95 -11.56
H8 AR6 D . -9.60 -14.91 -11.28
H1' AR6 D . -7.98 -16.06 -8.42
H1D AR6 D . -9.77 -3.97 -9.90
H2' AR6 D . -7.58 -14.53 -10.72
HO2' AR6 D . -5.70 -15.49 -10.64
H2D AR6 D . -11.80 -3.25 -9.44
HO2D AR6 D . -11.42 -1.35 -8.48
H3' AR6 D . -6.65 -12.88 -9.59
H3D AR6 D . -11.66 -5.17 -8.31
HO3D AR6 D . -13.31 -4.54 -7.20
H4' AR6 D . -8.02 -13.04 -7.40
H4D AR6 D . -10.24 -3.87 -6.27
H5' AR6 D . -8.72 -12.05 -9.94
H5'A AR6 D . -9.73 -11.90 -8.72
H5D AR6 D . -10.92 -6.21 -6.10
H5DA AR6 D . -9.39 -5.91 -5.80
HD1 AR6 D . -8.34 -2.39 -9.41
C15 7KE E . -14.26 -0.89 -8.33
C14 7KE E . -14.67 -0.94 -9.79
C13 7KE E . -15.75 -2.02 -9.97
C11 7KE E . -16.23 -2.03 -11.41
C06 7KE E . -16.81 -4.99 -17.02
C05 7KE E . -17.38 -3.73 -17.00
C02 7KE E . -16.15 -4.73 -14.73
C03 7KE E . -16.72 -3.48 -14.71
C04 7KE E . -17.34 -2.97 -15.84
C01 7KE E . -16.19 -5.49 -15.89
C08 7KE E . -16.67 -2.65 -13.43
N09 7KE E . -17.17 -1.43 -13.27
N12 7KE E . -16.07 -3.03 -12.27
O10 7KE E . -16.90 -1.06 -12.01
O16 7KE E . -13.22 0.04 -8.18
CL7 7KE E . -16.86 -5.97 -18.51
H152 7KE E . -15.01 -0.63 -7.79
H151 7KE E . -13.94 -1.76 -8.05
H141 7KE E . -13.90 -1.16 -10.35
H142 7KE E . -15.03 -0.08 -10.06
H131 7KE E . -16.48 -1.82 -9.36
H132 7KE E . -15.36 -2.89 -9.74
H051 7KE E . -17.80 -3.40 -17.76
H021 7KE E . -15.73 -5.07 -13.97
H041 7KE E . -17.72 -2.12 -15.82
H011 7KE E . -15.80 -6.34 -15.90
H161 7KE E . -13.01 0.11 -7.36
C1 EDO F . 4.81 -25.74 8.41
O1 EDO F . 5.25 -24.71 9.31
C2 EDO F . 4.99 -25.26 6.98
O2 EDO F . 6.37 -25.37 6.61
H11 EDO F . 3.76 -25.96 8.60
H12 EDO F . 5.38 -26.65 8.58
HO1 EDO F . 5.14 -25.01 10.23
H21 EDO F . 4.38 -25.88 6.30
H22 EDO F . 4.66 -24.23 6.88
HO2 EDO F . 6.48 -25.07 5.69
C1 EDO G . -13.59 -19.69 -15.12
O1 EDO G . -14.22 -20.73 -14.36
C2 EDO G . -12.19 -19.47 -14.56
O2 EDO G . -11.56 -20.75 -14.47
H11 EDO G . -13.53 -19.99 -16.18
H12 EDO G . -14.18 -18.77 -15.05
HO1 EDO G . -15.12 -20.88 -14.69
H21 EDO G . -12.25 -19.01 -13.58
H22 EDO G . -11.63 -18.81 -15.23
HO2 EDO G . -10.67 -20.64 -14.12
S DMS H . -3.92 -27.85 -3.53
O DMS H . -3.78 -26.39 -3.23
C1 DMS H . -4.37 -28.75 -2.03
C2 DMS H . -5.40 -28.14 -4.54
H11 DMS H . -4.57 -29.76 -2.27
H12 DMS H . -3.58 -28.68 -1.32
H13 DMS H . -5.25 -28.32 -1.60
H21 DMS H . -5.53 -29.18 -4.67
H22 DMS H . -6.24 -27.73 -4.06
H23 DMS H . -5.27 -27.67 -5.49
S DMS I . -17.69 -7.83 -10.67
O DMS I . -18.24 -7.11 -9.48
C1 DMS I . -16.27 -6.90 -11.32
C2 DMS I . -16.86 -9.35 -10.15
H11 DMS I . -16.60 -5.96 -11.68
H12 DMS I . -15.82 -7.45 -12.10
H13 DMS I . -15.56 -6.76 -10.55
H21 DMS I . -16.12 -9.12 -9.43
H22 DMS I . -17.57 -10.02 -9.72
H23 DMS I . -16.40 -9.81 -10.99
S DMS J . -22.36 -15.48 13.04
O DMS J . -22.18 -16.51 14.11
C1 DMS J . -24.09 -15.47 12.48
C2 DMS J . -22.30 -13.82 13.78
H11 DMS J . -24.73 -15.33 13.32
H12 DMS J . -24.23 -14.68 11.79
H13 DMS J . -24.31 -16.39 12.03
H21 DMS J . -22.50 -13.10 13.03
H22 DMS J . -23.02 -13.76 14.55
H23 DMS J . -21.33 -13.66 14.18
S DMS K . -24.65 -11.26 10.84
O DMS K . -23.55 -10.95 11.82
C1 DMS K . -26.25 -11.05 11.64
C2 DMS K . -24.75 -9.91 9.64
H11 DMS K . -26.32 -10.08 12.06
H12 DMS K . -26.36 -11.77 12.42
H13 DMS K . -27.02 -11.18 10.94
H21 DMS K . -25.58 -10.09 8.99
H22 DMS K . -24.89 -8.99 10.15
H23 DMS K . -23.86 -9.87 9.07
S DMS L . -0.77 -3.30 -20.39
O DMS L . -2.05 -4.07 -20.32
C1 DMS L . -1.01 -1.83 -21.43
C2 DMS L . -0.44 -2.51 -18.80
H11 DMS L . -1.83 -1.26 -21.05
H12 DMS L . -0.13 -1.23 -21.41
H13 DMS L . -1.22 -2.13 -22.42
H21 DMS L . -0.28 -3.25 -18.06
H22 DMS L . -1.28 -1.92 -18.51
H23 DMS L . 0.40 -1.89 -18.87
C1 GOL M . 5.62 -8.78 3.94
O1 GOL M . 6.23 -8.15 5.05
C2 GOL M . 4.11 -8.65 4.13
O2 GOL M . 3.73 -9.62 5.09
C3 GOL M . 3.36 -8.88 2.81
O3 GOL M . 3.41 -10.24 2.45
H11 GOL M . 5.91 -9.83 3.90
H12 GOL M . 5.92 -8.30 3.02
HO1 GOL M . 7.20 -8.26 4.99
H2 GOL M . 3.89 -7.66 4.50
HO2 GOL M . 2.77 -9.55 5.25
H31 GOL M . 3.81 -8.27 2.04
H32 GOL M . 2.33 -8.56 2.94
HO3 GOL M . 2.90 -10.37 1.62
C1 GOL N . -33.67 -16.42 -2.16
O1 GOL N . -33.13 -17.68 -1.80
C2 GOL N . -33.60 -16.23 -3.66
O2 GOL N . -34.04 -14.94 -4.00
C3 GOL N . -34.47 -17.27 -4.37
O3 GOL N . -34.10 -17.35 -5.73
H11 GOL N . -33.12 -15.64 -1.65
H12 GOL N . -34.71 -16.37 -1.83
HO1 GOL N . -33.12 -17.76 -0.83
H2 GOL N . -32.57 -16.37 -3.98
HO2 GOL N . -33.98 -14.82 -4.97
H31 GOL N . -35.51 -16.99 -4.29
H32 GOL N . -34.33 -18.24 -3.90
HO3 GOL N . -34.81 -17.77 -6.24
ZN ZN O . 28.12 -11.20 -14.47
N1 AR6 P . 10.86 21.03 3.09
C2 AR6 P . 9.89 20.27 3.53
N3 AR6 P . 9.26 19.38 2.77
C4 AR6 P . 9.60 19.24 1.50
C5 AR6 P . 10.64 20.05 0.97
C6 AR6 P . 11.26 20.95 1.82
N6 AR6 P . 12.34 21.79 1.35
N7 AR6 P . 10.74 19.64 -0.40
C8 AR6 P . 9.81 18.69 -0.57
N9 AR6 P . 9.24 18.57 0.52
PA AR6 P . 8.51 12.57 -2.53
PB AR6 P . 9.97 10.56 -1.14
C1' AR6 P . 8.22 17.59 0.71
O1A AR6 P . 7.53 11.50 -2.75
O1B AR6 P . 11.34 10.42 -0.62
C1D AR6 P . 10.32 7.32 -5.20
O1D AR6 P . 9.85 6.38 -6.08
C2' AR6 P . 7.24 17.37 -0.37
O2' AR6 P . 6.05 18.16 -0.17
O2A AR6 P . 8.79 13.65 -3.73
O2B AR6 P . 8.73 10.58 -0.08
C2D AR6 P . 11.69 6.99 -4.74
O2D AR6 P . 11.83 5.55 -4.72
C3' AR6 P . 6.90 15.94 -0.27
O3' AR6 P . 5.85 15.69 0.70
O3A AR6 P . 9.99 11.92 -2.11
C3D AR6 P . 11.75 7.53 -3.38
O3D AR6 P . 12.81 6.92 -2.61
C4' AR6 P . 8.10 15.26 0.22
O4' AR6 P . 8.98 16.31 0.82
C4D AR6 P . 10.42 7.18 -2.83
O4D AR6 P . 9.46 7.32 -3.97
C5' AR6 P . 8.78 14.53 -0.89
O5' AR6 P . 8.01 13.36 -1.15
C5D AR6 P . 10.02 8.09 -1.72
O5D AR6 P . 9.70 9.35 -2.25
H2 AR6 P . 9.64 20.34 4.43
HN6 AR6 P . 13.16 21.55 1.43
HN6A AR6 P . 12.16 22.56 0.97
H8 AR6 P . 9.61 18.22 -1.35
H1' AR6 P . 7.76 17.77 1.54
H1D AR6 P . 10.31 8.20 -5.60
H2' AR6 P . 7.64 17.56 -1.24
HO2' AR6 P . 5.82 18.53 -0.90
H2D AR6 P . 12.34 7.41 -5.31
HO2D AR6 P . 11.52 5.22 -5.44
H3' AR6 P . 6.65 15.59 -1.15
H3D AR6 P . 11.85 8.49 -3.41
HO3D AR6 P . 13.46 7.47 -2.54
H4' AR6 P . 7.84 14.63 0.92
H4D AR6 P . 10.43 6.26 -2.52
H5' AR6 P . 9.68 14.28 -0.63
H5'A AR6 P . 8.80 15.08 -1.68
H5D AR6 P . 9.25 7.73 -1.25
H5DA AR6 P . 10.76 8.19 -1.09
HD1 AR6 P . 9.00 6.39 -6.07
C15 7KE Q . 14.95 4.73 -5.36
C14 7KE Q . 15.97 5.64 -6.04
C13 7KE Q . 15.36 6.23 -7.32
C11 7KE Q . 16.39 7.06 -8.08
C06 7KE Q . 17.99 12.73 -10.51
C05 7KE Q . 18.55 11.66 -11.18
C02 7KE Q . 17.03 11.23 -8.91
C03 7KE Q . 17.60 10.15 -9.56
C04 7KE Q . 18.36 10.37 -10.71
C01 7KE Q . 17.22 12.51 -9.36
C08 7KE Q . 17.36 8.73 -9.06
N09 7KE Q . 18.14 7.67 -9.22
N12 7KE Q . 16.27 8.36 -8.36
O10 7KE Q . 17.53 6.64 -8.62
O16 7KE Q . 14.22 4.02 -6.31
CL7 7KE Q . 18.24 14.39 -11.11
H152 7KE Q . 15.42 4.11 -4.78
H151 7KE Q . 14.35 5.27 -4.83
H141 7KE Q . 16.22 6.36 -5.45
H142 7KE Q . 16.76 5.12 -6.27
H131 7KE Q . 14.62 6.79 -7.08
H132 7KE Q . 15.05 5.50 -7.89
H051 7KE Q . 19.06 11.80 -11.94
H021 7KE Q . 16.51 11.08 -8.14
H041 7KE Q . 18.73 9.65 -11.17
H011 7KE Q . 16.85 13.24 -8.92
H161 7KE Q . 13.44 3.87 -6.02
C ACT R . 3.19 25.02 11.71
O ACT R . 3.86 25.77 10.97
OXT ACT R . 2.69 24.01 11.15
CH3 ACT R . 3.00 25.28 13.17
H1 ACT R . 2.38 24.49 13.61
H2 ACT R . 3.96 25.30 13.67
H3 ACT R . 2.50 26.24 13.30
S DMS S . 17.95 11.61 -3.83
O DMS S . 17.95 10.27 -3.19
C1 DMS S . 16.77 11.61 -5.21
C2 DMS S . 17.11 12.81 -2.75
H11 DMS S . 17.11 10.94 -5.96
H12 DMS S . 15.82 11.30 -4.87
H13 DMS S . 16.70 12.58 -5.62
H21 DMS S . 16.14 12.45 -2.52
H22 DMS S . 17.03 13.74 -3.24
H23 DMS S . 17.67 12.92 -1.86
S DMS T . 20.61 5.76 20.81
O DMS T . 20.13 6.61 21.93
C1 DMS T . 22.25 6.32 20.29
C2 DMS T . 21.03 4.10 21.42
H11 DMS T . 22.18 7.30 19.89
H12 DMS T . 22.64 5.67 19.55
H13 DMS T . 22.91 6.32 21.13
H21 DMS T . 21.44 3.53 20.63
H22 DMS T . 20.15 3.62 21.77
H23 DMS T . 21.73 4.18 22.21
S DMS U . 23.70 3.83 17.10
O DMS U . 22.64 2.78 17.17
C1 DMS U . 24.75 3.74 18.58
C2 DMS U . 24.93 3.36 15.84
H11 DMS U . 24.18 3.99 19.43
H12 DMS U . 25.55 4.43 18.48
H13 DMS U . 25.13 2.76 18.69
H21 DMS U . 25.30 2.39 16.06
H22 DMS U . 25.72 4.07 15.86
H23 DMS U . 24.46 3.36 14.90
S DMS V . 4.92 1.62 -9.18
O DMS V . 3.85 1.75 -8.14
C1 DMS V . 5.52 -0.08 -9.23
C2 DMS V . 4.18 1.74 -10.83
H11 DMS V . 5.99 -0.32 -8.31
H12 DMS V . 4.70 -0.74 -9.38
H13 DMS V . 6.21 -0.19 -10.02
H21 DMS V . 4.92 1.56 -11.56
H22 DMS V . 3.77 2.71 -10.97
H23 DMS V . 3.42 1.01 -10.93
C1 GOL W . 1.83 4.57 -10.50
O1 GOL W . 0.88 5.38 -9.83
C2 GOL W . 1.72 4.82 -12.00
O2 GOL W . 1.68 6.21 -12.25
C3 GOL W . 0.47 4.14 -12.55
O3 GOL W . 0.62 2.74 -12.49
H11 GOL W . 1.64 3.52 -10.28
H12 GOL W . 2.83 4.82 -10.15
HO1 GOL W . 0.90 5.17 -8.87
H2 GOL W . 2.60 4.38 -12.48
HO2 GOL W . 1.62 6.36 -13.22
H31 GOL W . 0.31 4.45 -13.58
H32 GOL W . -0.40 4.44 -11.97
HO3 GOL W . -0.20 2.31 -12.82
C1 GOL X . 8.11 -3.49 -18.01
O1 GOL X . 6.87 -3.11 -17.48
C2 GOL X . 7.91 -4.48 -19.16
O2 GOL X . 7.13 -5.57 -18.73
C3 GOL X . 7.21 -3.76 -20.31
O3 GOL X . 6.93 -4.69 -21.34
H11 GOL X . 8.71 -3.95 -17.24
H12 GOL X . 8.63 -2.61 -18.38
HO1 GOL X . 7.01 -2.52 -16.71
H2 GOL X . 8.88 -4.82 -19.50
HO2 GOL X . 6.26 -5.26 -18.44
H31 GOL X . 7.84 -2.96 -20.69
H32 GOL X . 6.28 -3.32 -19.95
HO3 GOL X . 6.35 -4.26 -22.00
#